data_4XNX
#
_entry.id   4XNX
#
_cell.length_a   97.673
_cell.length_b   141.036
_cell.length_c   167.247
_cell.angle_alpha   90.00
_cell.angle_beta   90.00
_cell.angle_gamma   90.00
#
_symmetry.space_group_name_H-M   'P 21 21 21'
#
loop_
_entity.id
_entity.type
_entity.pdbx_description
1 polymer Transporter
2 polymer 'antibody fragment light chain'
3 polymer 'Antibody fragment heavy chain'
4 branched alpha-D-glucopyranose-(1-4)-beta-D-glucopyranose
5 non-polymer CHOLESTEROL
6 non-polymer 'SODIUM ION'
7 non-polymer 'CHLORIDE ION'
8 non-polymer (2R)-2-[(R)-(2-ethoxyphenoxy)(phenyl)methyl]morpholine
9 water water
#
loop_
_entity_poly.entity_id
_entity_poly.type
_entity_poly.pdbx_seq_one_letter_code
_entity_poly.pdbx_strand_id
1 'polypeptide(L)'
;DERETWSGKVDFLLSVIGFAVDLANVWRFPYLCYKNGGGAFLVPYGIMLAVGGIPLFYMELALGQHNRKGAITCWGRLVP
LFKGIGYAVVLIAFYVDFYYNVIIAWSLRFFFASFTNSLPWTSCNNIWNTPNCRPFEGHVEGFQSAASEYFNRYILELNR
SEGIHDLGAIKWDMALCLLIVYLICYFSLWKGISTSGKVVWFTALFPYAVLLILLIRGLTLPGSFLGIQYYLTPNFSAIY
KAEVWVDAATQVFFSLGPGFGVLLAYASYNKYHNNVYKDALLTSFINSATSFIAGFVIFSVLGYMAHTLGVRIEDVATEG
PGLVFVVYPAAIATMPASTFWALIFFMMLATLGLDSSFGGSEAIITALSDEFPKIKRNRELFVAGLFSLYFVVGLASCTQ
GGFYFFHLLDRYAAGYSILVAVFFEAIAVSWIYGTNRFSEDIRDMIGFPPGRYWQVCWRFVAPIFLLFITVYGLIGYEPL
TYADYVYPSWANALGWCIAGSSVVMIPAVAIFKLLSTPGSLRQRFTILTTPWRDQQ
;
A
2 'polypeptide(L)'
;ENVLTQSPAIMSTSPGEKVTMTCRASSSVGSSYLHWYQQKSGASPKLWIYSTSNLASGVPARFSGSGSGTSYSLTISSVE
AEDAATYYCQQFSGYPLTFGSGTKLEMKRADAAPTVSIFPPSSEQLTSGGASVVCFLNNFYPKDINVKWKIDGSERQNGV
LNSWTDQDSKDSTYSMSSTLTLTKDEYERHNSYTCEATHKTSTSPIVKSFNRNE
;
L
3 'polypeptide(L)'
;MNFGLRLVFLVLILKGVQCEVQLVESGGGLVKPGGSLKLSCAASGFTFSSYAMSWVRQSPEKRLEWVAEISSGGRYIYYS
DTVTGRFTISRDNARNILHLEMSSLRSEDTAMYYCARGEVRQRGFDYWGQGTTLTVSSAKTTAPSVYPLAPVCGDTTGSS
VTLGCLVKGYFPEPVTLTWNSGSLSSGVHTFPAVLQSDLYTLSSSVTVTSSTWPSQSITCNVAHPASSTKVDKKIEPRGP
;
H
#
loop_
_chem_comp.id
_chem_comp.type
_chem_comp.name
_chem_comp.formula
41X non-polymer (2R)-2-[(R)-(2-ethoxyphenoxy)(phenyl)methyl]morpholine 'C19 H23 N O3'
BGC D-saccharide, beta linking beta-D-glucopyranose 'C6 H12 O6'
CL non-polymer 'CHLORIDE ION' 'Cl -1'
CLR non-polymer CHOLESTEROL 'C27 H46 O'
GLC D-saccharide, alpha linking alpha-D-glucopyranose 'C6 H12 O6'
NA non-polymer 'SODIUM ION' 'Na 1'
#
# COMPACT_ATOMS: atom_id res chain seq x y z
N ASP A 1 11.87 -14.83 15.59
CA ASP A 1 11.60 -14.47 14.19
C ASP A 1 10.15 -14.77 13.80
N GLU A 2 9.76 -16.03 13.93
CA GLU A 2 8.46 -16.49 13.44
C GLU A 2 7.30 -16.08 14.35
N ARG A 3 6.18 -15.74 13.73
CA ARG A 3 4.91 -15.59 14.43
C ARG A 3 3.83 -16.29 13.63
N GLU A 4 2.85 -16.87 14.33
CA GLU A 4 1.76 -17.59 13.69
C GLU A 4 0.99 -16.68 12.74
N THR A 5 0.46 -17.25 11.66
CA THR A 5 -0.31 -16.46 10.70
C THR A 5 -1.65 -17.13 10.35
N TRP A 6 -2.60 -16.33 9.86
CA TRP A 6 -3.90 -16.87 9.44
C TRP A 6 -3.70 -17.94 8.38
N SER A 7 -4.46 -19.03 8.48
CA SER A 7 -4.45 -19.98 7.38
C SER A 7 -5.58 -19.61 6.44
N GLY A 8 -5.20 -19.08 5.27
CA GLY A 8 -6.15 -18.50 4.34
C GLY A 8 -6.55 -17.09 4.77
N LYS A 9 -6.93 -16.26 3.80
CA LYS A 9 -7.26 -14.86 4.10
C LYS A 9 -8.68 -14.72 4.62
N VAL A 10 -9.56 -15.59 4.14
CA VAL A 10 -10.98 -15.52 4.49
C VAL A 10 -11.18 -15.62 6.00
N ASP A 11 -10.38 -16.45 6.64
CA ASP A 11 -10.49 -16.64 8.07
C ASP A 11 -10.35 -15.31 8.81
N PHE A 12 -9.36 -14.51 8.39
CA PHE A 12 -9.15 -13.21 9.01
C PHE A 12 -10.36 -12.30 8.80
N LEU A 13 -10.89 -12.25 7.58
CA LEU A 13 -12.05 -11.42 7.32
C LEU A 13 -13.25 -11.85 8.14
N LEU A 14 -13.49 -13.15 8.18
CA LEU A 14 -14.61 -13.68 8.94
C LEU A 14 -14.45 -13.41 10.43
N SER A 15 -13.22 -13.42 10.91
CA SER A 15 -12.94 -13.09 12.30
C SER A 15 -13.27 -11.63 12.56
N VAL A 16 -12.83 -10.75 11.68
CA VAL A 16 -13.13 -9.33 11.83
C VAL A 16 -14.61 -9.07 11.63
N ILE A 17 -15.18 -9.62 10.56
CA ILE A 17 -16.60 -9.48 10.30
C ILE A 17 -17.39 -9.97 11.50
N GLY A 18 -16.93 -11.07 12.08
CA GLY A 18 -17.62 -11.71 13.20
C GLY A 18 -17.61 -10.85 14.44
N PHE A 19 -16.42 -10.43 14.86
CA PHE A 19 -16.29 -9.54 16.01
C PHE A 19 -17.14 -8.28 15.82
N ALA A 20 -17.15 -7.75 14.60
CA ALA A 20 -17.81 -6.48 14.33
C ALA A 20 -19.33 -6.61 14.39
N VAL A 21 -19.86 -7.63 13.72
CA VAL A 21 -21.31 -7.80 13.63
C VAL A 21 -21.85 -8.58 14.83
N ASP A 22 -22.77 -7.95 15.56
CA ASP A 22 -23.36 -8.56 16.76
C ASP A 22 -24.78 -8.03 16.98
N LEU A 23 -25.35 -8.32 18.15
CA LEU A 23 -26.74 -7.95 18.43
C LEU A 23 -27.03 -6.46 18.31
N ALA A 24 -26.02 -5.61 18.54
CA ALA A 24 -26.21 -4.16 18.43
C ALA A 24 -26.50 -3.76 16.99
N ASN A 25 -26.11 -4.61 16.04
CA ASN A 25 -26.44 -4.37 14.64
C ASN A 25 -27.93 -4.62 14.38
N VAL A 26 -28.54 -5.36 15.31
CA VAL A 26 -29.94 -5.79 15.23
C VAL A 26 -30.82 -4.93 16.13
N TRP A 27 -30.53 -4.97 17.43
CA TRP A 27 -31.38 -4.33 18.42
C TRP A 27 -31.05 -2.85 18.71
N ARG A 28 -30.08 -2.26 18.00
CA ARG A 28 -29.78 -0.83 18.16
C ARG A 28 -29.97 -0.03 16.84
N PHE A 29 -29.19 -0.32 15.80
CA PHE A 29 -29.20 0.50 14.57
C PHE A 29 -30.61 0.74 13.98
N PRO A 30 -31.38 -0.35 13.70
CA PRO A 30 -32.74 -0.18 13.16
C PRO A 30 -33.60 0.80 13.99
N TYR A 31 -33.59 0.66 15.32
CA TYR A 31 -34.31 1.53 16.27
C TYR A 31 -33.88 2.98 16.10
N LEU A 32 -32.58 3.21 15.90
CA LEU A 32 -32.07 4.56 15.82
C LEU A 32 -32.59 5.28 14.58
N CYS A 33 -32.79 4.50 13.52
CA CYS A 33 -33.35 5.00 12.28
C CYS A 33 -34.79 5.41 12.53
N TYR A 34 -35.53 4.51 13.16
CA TYR A 34 -36.93 4.72 13.43
C TYR A 34 -37.11 6.00 14.24
N LYS A 35 -36.30 6.14 15.28
CA LYS A 35 -36.41 7.26 16.20
C LYS A 35 -35.86 8.57 15.62
N ASN A 36 -34.86 8.48 14.77
CA ASN A 36 -34.14 9.65 14.26
C ASN A 36 -34.57 10.22 12.90
N GLY A 37 -35.66 9.71 12.32
CA GLY A 37 -36.08 10.22 11.03
C GLY A 37 -35.82 9.32 9.84
N GLY A 38 -35.52 8.05 10.11
CA GLY A 38 -35.51 7.03 9.07
C GLY A 38 -34.42 7.21 8.06
N GLY A 39 -34.77 7.21 6.78
CA GLY A 39 -33.80 7.36 5.71
C GLY A 39 -32.88 8.55 5.91
N ALA A 40 -33.42 9.62 6.51
CA ALA A 40 -32.67 10.82 6.80
C ALA A 40 -31.48 10.52 7.72
N PHE A 41 -31.70 9.61 8.66
CA PHE A 41 -30.68 9.29 9.65
C PHE A 41 -29.40 8.81 9.00
N LEU A 42 -29.52 8.24 7.80
CA LEU A 42 -28.36 7.72 7.08
C LEU A 42 -27.32 8.78 6.74
N VAL A 43 -27.75 10.03 6.58
CA VAL A 43 -26.82 11.11 6.28
C VAL A 43 -25.78 11.34 7.40
N PRO A 44 -26.26 11.66 8.62
CA PRO A 44 -25.31 11.83 9.72
C PRO A 44 -24.58 10.52 10.03
N TYR A 45 -25.30 9.41 9.94
CA TYR A 45 -24.71 8.09 10.14
C TYR A 45 -23.58 7.84 9.15
N GLY A 46 -23.81 8.23 7.89
CA GLY A 46 -22.84 8.04 6.84
C GLY A 46 -21.61 8.92 7.02
N ILE A 47 -21.85 10.20 7.24
CA ILE A 47 -20.77 11.15 7.44
C ILE A 47 -19.90 10.75 8.62
N MET A 48 -20.53 10.51 9.77
CA MET A 48 -19.82 10.09 10.97
C MET A 48 -19.00 8.83 10.73
N LEU A 49 -19.59 7.89 10.01
CA LEU A 49 -18.91 6.67 9.63
C LEU A 49 -17.68 6.98 8.78
N ALA A 50 -17.83 7.92 7.85
CA ALA A 50 -16.74 8.29 6.96
C ALA A 50 -15.62 9.05 7.66
N VAL A 51 -15.96 10.16 8.32
CA VAL A 51 -14.92 10.99 8.93
C VAL A 51 -14.24 10.38 10.18
N GLY A 52 -15.02 10.06 11.22
CA GLY A 52 -14.44 9.40 12.38
C GLY A 52 -14.44 7.88 12.44
N GLY A 53 -15.47 7.26 11.87
CA GLY A 53 -15.67 5.83 12.05
C GLY A 53 -14.67 4.92 11.38
N ILE A 54 -14.58 5.02 10.06
CA ILE A 54 -13.71 4.14 9.28
C ILE A 54 -12.22 4.41 9.53
N PRO A 55 -11.83 5.70 9.59
CA PRO A 55 -10.42 6.02 9.85
C PRO A 55 -9.87 5.36 11.12
N LEU A 56 -10.61 5.40 12.22
CA LEU A 56 -10.17 4.75 13.45
C LEU A 56 -10.08 3.24 13.27
N PHE A 57 -11.08 2.70 12.58
CA PHE A 57 -11.16 1.28 12.27
C PHE A 57 -9.97 0.82 11.45
N TYR A 58 -9.69 1.60 10.40
CA TYR A 58 -8.54 1.41 9.52
C TYR A 58 -7.22 1.51 10.29
N MET A 59 -7.10 2.56 11.09
CA MET A 59 -5.88 2.84 11.83
C MET A 59 -5.44 1.65 12.65
N GLU A 60 -6.33 1.14 13.50
CA GLU A 60 -5.95 0.06 14.40
C GLU A 60 -5.61 -1.22 13.64
N LEU A 61 -6.29 -1.44 12.51
CA LEU A 61 -6.00 -2.60 11.68
C LEU A 61 -4.60 -2.53 11.12
N ALA A 62 -4.22 -1.36 10.64
CA ALA A 62 -2.89 -1.15 10.08
C ALA A 62 -1.82 -1.31 11.16
N LEU A 63 -2.06 -0.70 12.32
CA LEU A 63 -1.16 -0.82 13.46
C LEU A 63 -0.95 -2.27 13.85
N GLY A 64 -2.05 -3.02 13.88
CA GLY A 64 -2.02 -4.41 14.24
C GLY A 64 -1.12 -5.20 13.30
N GLN A 65 -1.26 -4.92 12.01
CA GLN A 65 -0.49 -5.64 11.01
C GLN A 65 0.98 -5.21 10.96
N HIS A 66 1.22 -3.92 11.13
CA HIS A 66 2.57 -3.38 11.04
C HIS A 66 3.46 -3.76 12.23
N ASN A 67 2.99 -3.51 13.44
CA ASN A 67 3.79 -3.77 14.63
C ASN A 67 3.82 -5.24 15.00
N ARG A 68 2.85 -5.98 14.47
CA ARG A 68 2.84 -7.44 14.60
C ARG A 68 2.76 -7.94 16.05
N LYS A 69 2.20 -7.12 16.95
CA LYS A 69 2.07 -7.52 18.35
C LYS A 69 0.69 -7.18 18.91
N GLY A 70 0.37 -7.78 20.05
CA GLY A 70 -0.87 -7.54 20.76
C GLY A 70 -0.92 -6.15 21.35
N ALA A 71 -2.02 -5.84 22.03
CA ALA A 71 -2.32 -4.47 22.45
C ALA A 71 -1.26 -3.86 23.37
N ILE A 72 -0.86 -4.59 24.40
CA ILE A 72 0.10 -4.08 25.38
C ILE A 72 1.46 -3.77 24.78
N THR A 73 2.06 -4.77 24.16
CA THR A 73 3.38 -4.62 23.54
C THR A 73 3.38 -3.62 22.40
N CYS A 74 2.31 -3.61 21.60
CA CYS A 74 2.25 -2.74 20.43
C CYS A 74 2.26 -1.27 20.80
N TRP A 75 1.53 -0.92 21.85
CA TRP A 75 1.49 0.48 22.30
C TRP A 75 2.74 0.82 23.10
N GLY A 76 3.40 -0.22 23.62
CA GLY A 76 4.68 -0.04 24.27
C GLY A 76 5.73 0.32 23.23
N ARG A 77 5.74 -0.44 22.14
CA ARG A 77 6.73 -0.26 21.08
C ARG A 77 6.47 0.99 20.24
N LEU A 78 5.28 1.55 20.35
CA LEU A 78 4.92 2.73 19.56
C LEU A 78 5.28 4.00 20.32
N VAL A 79 4.61 4.21 21.44
CA VAL A 79 4.92 5.32 22.34
C VAL A 79 5.05 4.82 23.78
N PRO A 80 6.27 4.42 24.19
CA PRO A 80 6.54 3.76 25.48
C PRO A 80 5.90 4.47 26.68
N LEU A 81 5.86 5.80 26.62
CA LEU A 81 5.20 6.60 27.64
C LEU A 81 3.73 6.25 27.73
N PHE A 82 3.15 5.92 26.58
CA PHE A 82 1.73 5.62 26.45
C PHE A 82 1.40 4.12 26.50
N LYS A 83 2.41 3.31 26.82
CA LYS A 83 2.23 1.86 26.90
C LYS A 83 1.03 1.51 27.79
N GLY A 84 0.70 2.41 28.72
CA GLY A 84 -0.46 2.23 29.58
C GLY A 84 -1.74 1.93 28.82
N ILE A 85 -1.86 2.50 27.62
CA ILE A 85 -3.01 2.25 26.74
C ILE A 85 -3.26 0.75 26.53
N GLY A 86 -2.19 0.00 26.39
CA GLY A 86 -2.27 -1.43 26.23
C GLY A 86 -3.01 -2.07 27.39
N TYR A 87 -2.64 -1.66 28.61
CA TYR A 87 -3.25 -2.25 29.80
C TYR A 87 -4.72 -1.85 29.94
N ALA A 88 -5.01 -0.58 29.66
CA ALA A 88 -6.37 -0.06 29.73
C ALA A 88 -7.32 -0.85 28.83
N VAL A 89 -6.90 -1.07 27.59
CA VAL A 89 -7.70 -1.80 26.61
C VAL A 89 -7.90 -3.26 26.99
N VAL A 90 -6.85 -3.89 27.53
CA VAL A 90 -6.95 -5.29 27.93
C VAL A 90 -7.86 -5.48 29.14
N LEU A 91 -7.78 -4.54 30.08
CA LEU A 91 -8.65 -4.57 31.26
C LEU A 91 -10.11 -4.40 30.88
N ILE A 92 -10.39 -3.38 30.06
CA ILE A 92 -11.73 -3.16 29.56
C ILE A 92 -12.32 -4.43 28.92
N ALA A 93 -11.57 -5.01 27.98
CA ALA A 93 -11.96 -6.27 27.35
C ALA A 93 -12.22 -7.35 28.38
N PHE A 94 -11.43 -7.30 29.45
CA PHE A 94 -11.54 -8.24 30.55
C PHE A 94 -12.87 -8.07 31.30
N TYR A 95 -13.18 -6.82 31.65
CA TYR A 95 -14.43 -6.50 32.32
C TYR A 95 -15.64 -6.87 31.48
N VAL A 96 -15.54 -6.59 30.18
CA VAL A 96 -16.68 -6.78 29.28
C VAL A 96 -17.10 -8.24 29.14
N ASP A 97 -16.15 -9.16 29.12
CA ASP A 97 -16.48 -10.59 29.03
C ASP A 97 -17.33 -11.02 30.23
N PHE A 98 -17.19 -10.31 31.35
CA PHE A 98 -17.92 -10.64 32.58
C PHE A 98 -19.42 -10.61 32.41
N TYR A 99 -19.91 -9.67 31.60
CA TYR A 99 -21.34 -9.45 31.41
C TYR A 99 -21.78 -9.93 30.02
N TYR A 100 -21.20 -9.36 28.96
CA TYR A 100 -21.63 -9.61 27.56
C TYR A 100 -21.91 -11.08 27.22
N ASN A 101 -21.08 -12.00 27.70
CA ASN A 101 -21.30 -13.42 27.43
C ASN A 101 -22.64 -13.94 27.94
N VAL A 102 -23.26 -13.23 28.88
CA VAL A 102 -24.51 -13.68 29.45
C VAL A 102 -25.66 -13.50 28.46
N ILE A 103 -25.52 -12.56 27.53
CA ILE A 103 -26.52 -12.36 26.48
C ILE A 103 -26.64 -13.63 25.63
N ILE A 104 -25.49 -14.25 25.35
CA ILE A 104 -25.45 -15.48 24.60
C ILE A 104 -26.13 -16.60 25.38
N ALA A 105 -25.88 -16.64 26.70
CA ALA A 105 -26.52 -17.61 27.58
C ALA A 105 -28.03 -17.53 27.48
N TRP A 106 -28.57 -16.31 27.51
CA TRP A 106 -29.99 -16.07 27.35
C TRP A 106 -30.50 -16.61 26.02
N SER A 107 -29.77 -16.31 24.95
CA SER A 107 -30.08 -16.83 23.62
C SER A 107 -30.19 -18.35 23.63
N LEU A 108 -29.25 -19.01 24.30
CA LEU A 108 -29.27 -20.46 24.39
C LEU A 108 -30.36 -20.97 25.32
N ARG A 109 -30.64 -20.21 26.38
CA ARG A 109 -31.71 -20.56 27.30
C ARG A 109 -33.05 -20.58 26.58
N PHE A 110 -33.26 -19.59 25.70
CA PHE A 110 -34.47 -19.51 24.89
C PHE A 110 -34.47 -20.58 23.81
N PHE A 111 -33.32 -20.85 23.24
CA PHE A 111 -33.18 -21.90 22.24
C PHE A 111 -33.61 -23.23 22.85
N PHE A 112 -33.04 -23.58 23.99
CA PHE A 112 -33.40 -24.82 24.70
C PHE A 112 -34.85 -24.79 25.16
N ALA A 113 -35.40 -23.59 25.33
CA ALA A 113 -36.78 -23.43 25.77
C ALA A 113 -37.73 -23.51 24.58
N SER A 114 -37.14 -23.58 23.40
CA SER A 114 -37.87 -23.47 22.14
C SER A 114 -38.29 -24.78 21.48
N PHE A 115 -38.09 -25.93 22.11
CA PHE A 115 -38.61 -27.11 21.43
C PHE A 115 -39.95 -27.42 22.08
N THR A 116 -41.02 -27.06 21.37
CA THR A 116 -42.39 -27.35 21.77
C THR A 116 -43.30 -27.20 20.57
N ASN A 117 -44.49 -27.78 20.64
CA ASN A 117 -45.52 -27.49 19.66
C ASN A 117 -46.16 -26.14 19.97
N SER A 118 -46.07 -25.72 21.22
CA SER A 118 -46.57 -24.40 21.63
C SER A 118 -45.56 -23.68 22.52
N LEU A 119 -45.11 -22.51 22.06
CA LEU A 119 -44.12 -21.71 22.76
C LEU A 119 -44.65 -21.18 24.10
N PRO A 120 -43.85 -21.30 25.16
CA PRO A 120 -44.28 -20.97 26.53
C PRO A 120 -44.67 -19.50 26.76
N TRP A 121 -44.15 -18.58 25.93
CA TRP A 121 -44.39 -17.17 26.20
C TRP A 121 -45.62 -16.60 25.49
N THR A 122 -46.39 -17.45 24.82
CA THR A 122 -47.52 -16.94 24.06
C THR A 122 -48.68 -16.46 24.96
N SER A 123 -49.08 -17.25 25.95
CA SER A 123 -50.25 -16.85 26.73
C SER A 123 -49.97 -16.31 28.14
N CYS A 124 -51.04 -15.82 28.77
CA CYS A 124 -51.03 -15.24 30.10
C CYS A 124 -51.46 -16.16 31.23
N ASN A 125 -51.85 -17.39 30.90
CA ASN A 125 -52.46 -18.28 31.88
C ASN A 125 -51.48 -19.20 32.63
N ASN A 126 -50.18 -18.99 32.46
CA ASN A 126 -49.18 -19.78 33.19
C ASN A 126 -49.00 -19.35 34.66
N ILE A 127 -48.13 -20.07 35.39
CA ILE A 127 -47.95 -19.86 36.83
C ILE A 127 -47.09 -18.65 37.16
N TRP A 128 -46.21 -18.28 36.25
CA TRP A 128 -45.30 -17.17 36.48
C TRP A 128 -45.97 -15.86 36.15
N ASN A 129 -47.14 -15.95 35.54
CA ASN A 129 -47.93 -14.80 35.12
C ASN A 129 -48.58 -14.07 36.29
N THR A 130 -48.95 -12.83 36.04
CA THR A 130 -49.61 -12.00 37.03
C THR A 130 -50.96 -11.57 36.47
N PRO A 131 -51.89 -11.13 37.33
CA PRO A 131 -53.22 -10.74 36.84
C PRO A 131 -53.15 -9.60 35.83
N ASN A 132 -52.02 -8.91 35.77
CA ASN A 132 -51.87 -7.76 34.88
C ASN A 132 -51.31 -8.12 33.50
N CYS A 133 -51.10 -9.40 33.24
CA CYS A 133 -50.54 -9.83 31.95
C CYS A 133 -51.43 -9.45 30.76
N ARG A 134 -50.78 -9.01 29.70
CA ARG A 134 -51.42 -8.71 28.43
C ARG A 134 -50.92 -9.69 27.38
N PRO A 135 -51.73 -9.93 26.34
CA PRO A 135 -51.32 -10.74 25.19
C PRO A 135 -50.12 -10.13 24.47
N PHE A 136 -50.11 -8.81 24.27
CA PHE A 136 -48.98 -8.16 23.61
C PHE A 136 -48.61 -6.82 24.24
N GLU A 137 -47.55 -6.19 23.75
CA GLU A 137 -46.98 -5.02 24.39
C GLU A 137 -47.93 -3.82 24.43
N GLY A 138 -47.94 -3.11 25.55
CA GLY A 138 -48.74 -1.90 25.70
C GLY A 138 -47.91 -0.70 26.16
N HIS A 139 -48.58 0.41 26.46
CA HIS A 139 -47.90 1.62 26.93
C HIS A 139 -47.88 1.85 28.45
N VAL A 140 -48.51 0.96 29.22
CA VAL A 140 -48.51 1.13 30.68
C VAL A 140 -47.49 0.21 31.36
N GLU A 141 -46.83 0.71 32.40
CA GLU A 141 -45.73 -0.03 33.00
C GLU A 141 -46.22 -1.20 33.85
N GLY A 142 -47.27 -0.96 34.62
CA GLY A 142 -47.79 -1.98 35.50
C GLY A 142 -48.37 -3.20 34.81
N PHE A 143 -48.75 -3.04 33.54
CA PHE A 143 -49.32 -4.14 32.77
C PHE A 143 -48.42 -4.55 31.63
N GLN A 144 -47.78 -5.71 31.75
CA GLN A 144 -46.82 -6.15 30.76
C GLN A 144 -47.41 -7.18 29.79
N SER A 145 -46.62 -7.56 28.80
CA SER A 145 -47.08 -8.52 27.80
C SER A 145 -46.83 -9.94 28.28
N ALA A 146 -47.26 -10.90 27.48
CA ALA A 146 -47.04 -12.30 27.82
C ALA A 146 -45.55 -12.63 27.72
N ALA A 147 -44.91 -12.12 26.67
CA ALA A 147 -43.50 -12.38 26.42
C ALA A 147 -42.62 -11.69 27.44
N SER A 148 -43.05 -10.53 27.88
CA SER A 148 -42.29 -9.78 28.88
C SER A 148 -42.30 -10.52 30.21
N GLU A 149 -43.48 -10.91 30.67
CA GLU A 149 -43.59 -11.62 31.93
C GLU A 149 -42.87 -12.98 31.90
N TYR A 150 -42.83 -13.62 30.74
CA TYR A 150 -42.09 -14.87 30.61
C TYR A 150 -40.62 -14.63 30.87
N PHE A 151 -40.05 -13.66 30.17
CA PHE A 151 -38.64 -13.35 30.31
C PHE A 151 -38.32 -12.87 31.72
N ASN A 152 -39.12 -11.95 32.23
CA ASN A 152 -38.88 -11.37 33.54
C ASN A 152 -39.15 -12.34 34.70
N ARG A 153 -40.34 -12.94 34.76
CA ARG A 153 -40.72 -13.73 35.94
C ARG A 153 -40.29 -15.21 35.87
N TYR A 154 -39.93 -15.70 34.70
CA TYR A 154 -39.58 -17.12 34.56
C TYR A 154 -38.09 -17.34 34.26
N ILE A 155 -37.66 -16.87 33.10
CA ILE A 155 -36.26 -17.01 32.70
C ILE A 155 -35.36 -16.29 33.69
N LEU A 156 -35.63 -15.01 33.89
CA LEU A 156 -34.82 -14.17 34.77
C LEU A 156 -35.13 -14.37 36.25
N GLU A 157 -36.42 -14.49 36.58
CA GLU A 157 -36.89 -14.45 37.97
C GLU A 157 -36.45 -13.14 38.63
N LEU A 158 -36.40 -12.06 37.83
CA LEU A 158 -35.95 -10.77 38.32
C LEU A 158 -36.93 -10.17 39.33
N ASN A 159 -38.15 -10.70 39.37
CA ASN A 159 -39.17 -10.15 40.25
C ASN A 159 -38.88 -10.44 41.71
N ARG A 160 -38.01 -11.41 41.96
CA ARG A 160 -37.70 -11.85 43.32
C ARG A 160 -36.51 -11.12 43.92
N SER A 161 -35.94 -10.18 43.18
CA SER A 161 -34.77 -9.43 43.65
C SER A 161 -35.11 -7.95 43.89
N GLU A 162 -34.80 -7.47 45.09
CA GLU A 162 -35.20 -6.11 45.49
C GLU A 162 -34.19 -5.07 45.06
N GLY A 163 -33.12 -5.51 44.41
CA GLY A 163 -32.09 -4.62 43.93
C GLY A 163 -30.77 -5.34 43.78
N ILE A 164 -29.68 -4.58 43.70
CA ILE A 164 -28.38 -5.20 43.53
C ILE A 164 -27.85 -5.79 44.83
N HIS A 165 -28.24 -5.18 45.95
CA HIS A 165 -27.88 -5.67 47.28
C HIS A 165 -28.39 -7.09 47.49
N ASP A 166 -29.53 -7.41 46.89
CA ASP A 166 -30.05 -8.76 46.99
C ASP A 166 -30.04 -9.43 45.62
N LEU A 167 -29.11 -10.36 45.43
CA LEU A 167 -29.04 -11.16 44.22
C LEU A 167 -29.96 -12.37 44.25
N GLY A 168 -30.15 -12.92 45.45
CA GLY A 168 -31.00 -14.09 45.62
C GLY A 168 -30.32 -15.39 45.26
N ALA A 169 -31.12 -16.37 44.81
CA ALA A 169 -30.59 -17.69 44.49
C ALA A 169 -29.83 -17.68 43.18
N ILE A 170 -29.27 -18.84 42.83
CA ILE A 170 -28.56 -19.00 41.58
C ILE A 170 -29.35 -19.91 40.66
N LYS A 171 -29.69 -19.44 39.48
CA LYS A 171 -30.40 -20.30 38.54
C LYS A 171 -29.36 -21.19 37.89
N TRP A 172 -29.49 -22.49 38.09
CA TRP A 172 -28.46 -23.38 37.61
C TRP A 172 -28.80 -23.85 36.20
N ASP A 173 -30.01 -23.51 35.74
CA ASP A 173 -30.35 -23.69 34.34
C ASP A 173 -29.61 -22.62 33.55
N MET A 174 -29.45 -21.44 34.14
CA MET A 174 -28.72 -20.37 33.51
C MET A 174 -27.21 -20.60 33.62
N ALA A 175 -26.77 -21.12 34.75
CA ALA A 175 -25.37 -21.48 34.91
C ALA A 175 -24.97 -22.50 33.85
N LEU A 176 -25.82 -23.49 33.64
CA LEU A 176 -25.59 -24.50 32.61
C LEU A 176 -25.39 -23.83 31.25
N CYS A 177 -26.28 -22.90 30.93
CA CYS A 177 -26.21 -22.18 29.67
C CYS A 177 -24.92 -21.38 29.56
N LEU A 178 -24.49 -20.77 30.65
CA LEU A 178 -23.32 -19.92 30.63
C LEU A 178 -22.05 -20.76 30.48
N LEU A 179 -22.10 -21.96 31.03
CA LEU A 179 -20.98 -22.89 30.93
C LEU A 179 -20.81 -23.36 29.48
N ILE A 180 -21.91 -23.85 28.91
CA ILE A 180 -21.94 -24.24 27.50
C ILE A 180 -21.38 -23.15 26.58
N VAL A 181 -21.69 -21.89 26.88
CA VAL A 181 -21.17 -20.79 26.09
C VAL A 181 -19.65 -20.69 26.25
N TYR A 182 -19.17 -20.81 27.49
CA TYR A 182 -17.73 -20.73 27.75
C TYR A 182 -17.00 -21.99 27.29
N LEU A 183 -17.68 -23.13 27.31
CA LEU A 183 -17.11 -24.35 26.76
C LEU A 183 -16.82 -24.16 25.28
N ILE A 184 -17.83 -23.68 24.56
CA ILE A 184 -17.69 -23.38 23.15
C ILE A 184 -16.55 -22.38 22.91
N CYS A 185 -16.52 -21.33 23.71
CA CYS A 185 -15.45 -20.34 23.58
C CYS A 185 -14.08 -20.97 23.79
N TYR A 186 -13.98 -21.84 24.78
CA TYR A 186 -12.71 -22.50 25.08
C TYR A 186 -12.24 -23.34 23.89
N PHE A 187 -13.07 -24.29 23.47
CA PHE A 187 -12.69 -25.19 22.39
C PHE A 187 -12.52 -24.44 21.07
N SER A 188 -13.06 -23.23 21.00
CA SER A 188 -12.79 -22.37 19.86
C SER A 188 -11.42 -21.69 19.96
N LEU A 189 -11.11 -21.13 21.13
CA LEU A 189 -9.93 -20.28 21.29
C LEU A 189 -8.66 -20.93 21.86
N TRP A 190 -8.71 -22.19 22.25
CA TRP A 190 -7.58 -22.75 23.00
C TRP A 190 -6.40 -23.11 22.09
N LYS A 191 -6.69 -23.50 20.86
CA LYS A 191 -5.64 -23.90 19.92
C LYS A 191 -5.14 -22.70 19.10
N GLY A 192 -5.69 -21.53 19.34
CA GLY A 192 -5.28 -20.33 18.63
C GLY A 192 -6.03 -20.13 17.33
N ILE A 193 -5.42 -19.37 16.43
CA ILE A 193 -6.08 -18.95 15.18
C ILE A 193 -6.42 -20.09 14.22
N SER A 194 -5.57 -21.11 14.18
CA SER A 194 -5.77 -22.24 13.28
C SER A 194 -7.16 -22.87 13.43
N THR A 195 -7.70 -22.81 14.64
CA THR A 195 -9.04 -23.28 14.90
C THR A 195 -10.04 -22.13 14.84
N SER A 196 -9.89 -21.16 15.75
CA SER A 196 -10.81 -20.04 15.87
C SER A 196 -11.02 -19.34 14.52
N GLY A 197 -10.01 -19.42 13.66
CA GLY A 197 -10.10 -18.87 12.33
C GLY A 197 -11.12 -19.59 11.47
N LYS A 198 -11.24 -20.90 11.63
CA LYS A 198 -12.24 -21.64 10.86
C LYS A 198 -13.57 -21.86 11.59
N VAL A 199 -13.64 -21.56 12.88
CA VAL A 199 -14.90 -21.67 13.61
C VAL A 199 -15.80 -20.51 13.22
N VAL A 200 -15.18 -19.36 12.97
CA VAL A 200 -15.91 -18.15 12.63
C VAL A 200 -16.55 -18.29 11.26
N TRP A 201 -16.17 -19.33 10.53
CA TRP A 201 -16.79 -19.62 9.25
C TRP A 201 -18.28 -19.87 9.46
N PHE A 202 -18.60 -20.69 10.45
CA PHE A 202 -19.98 -20.96 10.79
C PHE A 202 -20.63 -19.78 11.50
N THR A 203 -19.97 -19.26 12.54
CA THR A 203 -20.59 -18.27 13.42
C THR A 203 -20.78 -16.92 12.77
N ALA A 204 -19.86 -16.54 11.88
CA ALA A 204 -20.01 -15.28 11.17
C ALA A 204 -21.00 -15.42 10.01
N LEU A 205 -21.02 -16.59 9.36
CA LEU A 205 -21.88 -16.81 8.18
C LEU A 205 -23.32 -17.16 8.50
N PHE A 206 -23.52 -18.02 9.49
CA PHE A 206 -24.85 -18.51 9.85
C PHE A 206 -25.89 -17.40 10.02
N PRO A 207 -25.52 -16.29 10.69
CA PRO A 207 -26.48 -15.20 10.88
C PRO A 207 -27.05 -14.69 9.57
N TYR A 208 -26.24 -14.67 8.51
CA TYR A 208 -26.72 -14.16 7.23
C TYR A 208 -27.71 -15.11 6.57
N ALA A 209 -27.55 -16.41 6.80
CA ALA A 209 -28.54 -17.37 6.31
C ALA A 209 -29.88 -17.08 6.97
N VAL A 210 -29.88 -17.05 8.31
CA VAL A 210 -31.08 -16.78 9.08
C VAL A 210 -31.65 -15.39 8.81
N LEU A 211 -30.78 -14.41 8.58
CA LEU A 211 -31.25 -13.08 8.21
C LEU A 211 -31.99 -13.18 6.87
N LEU A 212 -31.54 -14.08 6.02
CA LEU A 212 -32.12 -14.23 4.69
C LEU A 212 -33.55 -14.75 4.74
N ILE A 213 -33.78 -15.84 5.46
CA ILE A 213 -35.12 -16.41 5.48
C ILE A 213 -36.05 -15.66 6.42
N LEU A 214 -35.49 -14.98 7.41
CA LEU A 214 -36.32 -14.15 8.28
C LEU A 214 -36.73 -12.87 7.54
N LEU A 215 -35.92 -12.50 6.55
CA LEU A 215 -36.21 -11.33 5.74
C LEU A 215 -37.36 -11.62 4.80
N ILE A 216 -37.35 -12.81 4.21
CA ILE A 216 -38.43 -13.25 3.32
C ILE A 216 -39.71 -13.46 4.11
N ARG A 217 -39.61 -14.25 5.17
CA ARG A 217 -40.74 -14.50 6.06
C ARG A 217 -41.33 -13.20 6.59
N GLY A 218 -40.48 -12.20 6.79
CA GLY A 218 -40.93 -10.92 7.29
C GLY A 218 -41.68 -10.11 6.26
N LEU A 219 -41.15 -10.09 5.03
CA LEU A 219 -41.69 -9.24 3.98
C LEU A 219 -42.94 -9.86 3.32
N THR A 220 -43.17 -11.14 3.58
CA THR A 220 -44.35 -11.81 3.06
C THR A 220 -45.51 -11.80 4.05
N LEU A 221 -45.30 -11.18 5.21
CA LEU A 221 -46.35 -11.03 6.21
C LEU A 221 -47.19 -9.77 5.94
N PRO A 222 -48.49 -9.85 6.24
CA PRO A 222 -49.37 -8.67 6.16
C PRO A 222 -48.86 -7.52 7.03
N GLY A 223 -48.86 -6.31 6.49
CA GLY A 223 -48.42 -5.14 7.23
C GLY A 223 -46.91 -4.96 7.27
N SER A 224 -46.19 -5.81 6.56
CA SER A 224 -44.74 -5.73 6.52
C SER A 224 -44.26 -4.42 5.88
N PHE A 225 -45.06 -3.89 4.95
CA PHE A 225 -44.72 -2.63 4.30
CA PHE A 225 -44.73 -2.63 4.30
C PHE A 225 -44.86 -1.46 5.28
N LEU A 226 -45.83 -1.56 6.17
CA LEU A 226 -46.04 -0.52 7.18
C LEU A 226 -44.82 -0.44 8.09
N GLY A 227 -44.22 -1.59 8.36
CA GLY A 227 -43.00 -1.65 9.14
C GLY A 227 -41.89 -0.90 8.46
N ILE A 228 -41.63 -1.25 7.20
CA ILE A 228 -40.59 -0.59 6.40
C ILE A 228 -40.81 0.92 6.34
N GLN A 229 -42.07 1.34 6.27
CA GLN A 229 -42.39 2.76 6.28
C GLN A 229 -41.89 3.44 7.54
N TYR A 230 -42.23 2.88 8.70
CA TYR A 230 -41.79 3.43 9.98
C TYR A 230 -40.27 3.44 10.10
N TYR A 231 -39.66 2.34 9.68
CA TYR A 231 -38.22 2.20 9.63
C TYR A 231 -37.53 3.31 8.81
N LEU A 232 -37.75 3.30 7.49
CA LEU A 232 -37.01 4.18 6.58
C LEU A 232 -37.63 5.51 6.12
N THR A 233 -38.86 5.84 6.50
CA THR A 233 -39.48 7.04 5.95
C THR A 233 -38.77 8.30 6.42
N PRO A 234 -38.18 9.03 5.45
CA PRO A 234 -37.27 10.16 5.70
C PRO A 234 -37.95 11.37 6.36
N ASN A 235 -37.29 11.87 7.39
CA ASN A 235 -37.64 13.13 8.03
C ASN A 235 -36.36 13.92 8.29
N PHE A 236 -36.19 15.07 7.63
CA PHE A 236 -34.91 15.77 7.71
C PHE A 236 -34.90 16.86 8.77
N SER A 237 -36.02 17.01 9.47
CA SER A 237 -36.11 17.97 10.57
C SER A 237 -35.20 17.53 11.71
N ALA A 238 -34.85 16.25 11.73
CA ALA A 238 -33.98 15.70 12.76
C ALA A 238 -32.53 16.10 12.52
N ILE A 239 -32.16 16.25 11.25
CA ILE A 239 -30.78 16.49 10.86
C ILE A 239 -30.20 17.75 11.52
N TYR A 240 -31.06 18.74 11.79
CA TYR A 240 -30.62 19.96 12.44
C TYR A 240 -30.26 19.72 13.91
N LYS A 241 -30.80 18.64 14.48
CA LYS A 241 -30.60 18.31 15.89
C LYS A 241 -29.22 17.71 16.17
N ALA A 242 -28.57 18.20 17.22
CA ALA A 242 -27.28 17.67 17.62
C ALA A 242 -27.40 16.28 18.21
N GLU A 243 -28.54 16.00 18.83
CA GLU A 243 -28.77 14.71 19.48
C GLU A 243 -28.72 13.57 18.46
N VAL A 244 -29.20 13.82 17.25
CA VAL A 244 -29.13 12.81 16.20
C VAL A 244 -27.68 12.52 15.83
N TRP A 245 -26.91 13.58 15.56
CA TRP A 245 -25.50 13.42 15.20
C TRP A 245 -24.74 12.67 16.28
N VAL A 246 -25.05 12.99 17.53
CA VAL A 246 -24.47 12.27 18.66
C VAL A 246 -24.84 10.79 18.60
N ASP A 247 -26.10 10.52 18.29
CA ASP A 247 -26.59 9.14 18.21
C ASP A 247 -25.91 8.40 17.06
N ALA A 248 -25.69 9.08 15.94
CA ALA A 248 -24.97 8.50 14.82
C ALA A 248 -23.49 8.29 15.18
N ALA A 249 -22.87 9.34 15.70
CA ALA A 249 -21.49 9.29 16.15
C ALA A 249 -21.27 8.14 17.12
N THR A 250 -22.11 8.06 18.13
CA THR A 250 -21.97 7.03 19.15
C THR A 250 -22.16 5.63 18.56
N GLN A 251 -23.18 5.47 17.73
CA GLN A 251 -23.48 4.15 17.17
C GLN A 251 -22.35 3.65 16.28
N VAL A 252 -21.86 4.52 15.42
CA VAL A 252 -20.76 4.19 14.52
C VAL A 252 -19.54 3.72 15.30
N PHE A 253 -19.19 4.46 16.35
CA PHE A 253 -18.01 4.13 17.14
C PHE A 253 -18.16 2.79 17.84
N PHE A 254 -19.27 2.58 18.52
CA PHE A 254 -19.44 1.37 19.31
C PHE A 254 -19.80 0.15 18.46
N SER A 255 -20.30 0.36 17.26
CA SER A 255 -20.58 -0.77 16.38
C SER A 255 -19.30 -1.29 15.71
N LEU A 256 -18.41 -0.38 15.33
CA LEU A 256 -17.16 -0.76 14.67
C LEU A 256 -16.10 -1.28 15.65
N GLY A 257 -16.11 -0.72 16.86
CA GLY A 257 -15.15 -1.11 17.89
C GLY A 257 -13.69 -0.84 17.58
N PRO A 258 -13.37 0.32 16.99
CA PRO A 258 -11.98 0.60 16.66
C PRO A 258 -11.16 0.91 17.91
N GLY A 259 -9.89 0.51 17.93
CA GLY A 259 -9.03 0.76 19.07
C GLY A 259 -9.41 -0.04 20.31
N PHE A 260 -10.13 -1.13 20.11
CA PHE A 260 -10.58 -1.96 21.22
C PHE A 260 -9.59 -3.06 21.55
N GLY A 261 -8.52 -3.15 20.76
CA GLY A 261 -7.47 -4.13 20.96
C GLY A 261 -7.75 -5.44 20.24
N VAL A 262 -9.01 -5.65 19.86
CA VAL A 262 -9.39 -6.84 19.10
C VAL A 262 -8.90 -6.79 17.67
N LEU A 263 -9.19 -5.68 16.98
CA LEU A 263 -8.73 -5.50 15.61
C LEU A 263 -7.21 -5.58 15.55
N LEU A 264 -6.56 -5.01 16.56
CA LEU A 264 -5.10 -5.01 16.65
C LEU A 264 -4.58 -6.44 16.72
N ALA A 265 -5.21 -7.25 17.55
CA ALA A 265 -4.80 -8.62 17.73
C ALA A 265 -4.94 -9.41 16.43
N TYR A 266 -6.12 -9.34 15.83
CA TYR A 266 -6.39 -10.08 14.60
C TYR A 266 -5.45 -9.70 13.48
N ALA A 267 -5.23 -8.40 13.28
CA ALA A 267 -4.39 -7.93 12.20
C ALA A 267 -2.91 -8.28 12.44
N SER A 268 -2.56 -8.58 13.69
CA SER A 268 -1.18 -8.84 14.05
C SER A 268 -0.69 -10.19 13.53
N TYR A 269 -1.64 -11.05 13.16
CA TYR A 269 -1.33 -12.34 12.55
C TYR A 269 -1.39 -12.25 11.04
N ASN A 270 -1.61 -11.04 10.53
CA ASN A 270 -1.57 -10.78 9.10
C ASN A 270 -0.17 -10.84 8.50
N LYS A 271 -0.10 -11.17 7.21
CA LYS A 271 1.14 -11.07 6.46
C LYS A 271 1.44 -9.60 6.19
N TYR A 272 2.70 -9.19 6.38
CA TYR A 272 3.09 -7.78 6.38
C TYR A 272 2.59 -6.98 5.17
N HIS A 273 2.67 -7.58 3.99
CA HIS A 273 2.34 -6.87 2.76
C HIS A 273 0.89 -7.07 2.32
N ASN A 274 0.10 -7.74 3.16
CA ASN A 274 -1.33 -7.86 2.95
C ASN A 274 -1.95 -6.47 2.80
N ASN A 275 -2.99 -6.34 1.99
CA ASN A 275 -3.53 -5.01 1.80
C ASN A 275 -4.63 -4.82 2.84
N VAL A 276 -4.31 -3.98 3.83
CA VAL A 276 -5.20 -3.81 4.96
C VAL A 276 -6.21 -2.70 4.70
N TYR A 277 -5.94 -1.88 3.69
CA TYR A 277 -6.81 -0.78 3.33
C TYR A 277 -8.09 -1.31 2.71
N LYS A 278 -7.96 -2.31 1.85
CA LYS A 278 -9.11 -2.97 1.28
C LYS A 278 -9.85 -3.70 2.40
N ASP A 279 -9.10 -4.46 3.20
CA ASP A 279 -9.66 -5.22 4.32
C ASP A 279 -10.48 -4.33 5.27
N ALA A 280 -10.05 -3.09 5.43
CA ALA A 280 -10.76 -2.17 6.32
C ALA A 280 -12.03 -1.66 5.67
N LEU A 281 -11.95 -1.29 4.40
CA LEU A 281 -13.11 -0.74 3.70
C LEU A 281 -14.21 -1.78 3.48
N LEU A 282 -13.84 -3.00 3.14
CA LEU A 282 -14.81 -4.06 2.92
C LEU A 282 -15.48 -4.46 4.23
N THR A 283 -14.65 -4.64 5.25
CA THR A 283 -15.10 -5.11 6.56
C THR A 283 -16.03 -4.11 7.26
N SER A 284 -15.67 -2.82 7.22
CA SER A 284 -16.52 -1.77 7.78
C SER A 284 -17.86 -1.77 7.10
N PHE A 285 -17.82 -1.79 5.78
CA PHE A 285 -19.02 -1.72 4.97
C PHE A 285 -19.98 -2.85 5.34
N ILE A 286 -19.45 -4.08 5.34
CA ILE A 286 -20.25 -5.25 5.65
C ILE A 286 -20.93 -5.12 7.02
N ASN A 287 -20.26 -4.47 7.96
CA ASN A 287 -20.86 -4.21 9.27
C ASN A 287 -22.11 -3.35 9.19
N SER A 288 -21.98 -2.17 8.59
CA SER A 288 -23.11 -1.26 8.46
C SER A 288 -24.20 -1.85 7.57
N ALA A 289 -23.76 -2.48 6.47
CA ALA A 289 -24.68 -3.15 5.57
C ALA A 289 -25.53 -4.17 6.31
N THR A 290 -24.90 -4.90 7.23
CA THR A 290 -25.62 -5.93 7.98
C THR A 290 -26.69 -5.31 8.86
N SER A 291 -26.35 -4.19 9.49
CA SER A 291 -27.31 -3.46 10.32
C SER A 291 -28.52 -3.03 9.50
N PHE A 292 -28.25 -2.52 8.30
CA PHE A 292 -29.29 -2.04 7.39
C PHE A 292 -30.28 -3.15 7.03
N ILE A 293 -29.78 -4.32 6.64
CA ILE A 293 -30.62 -5.48 6.33
C ILE A 293 -31.46 -5.87 7.54
N ALA A 294 -30.81 -5.93 8.69
CA ALA A 294 -31.44 -6.35 9.94
C ALA A 294 -32.64 -5.46 10.29
N GLY A 295 -32.56 -4.18 9.93
CA GLY A 295 -33.66 -3.26 10.16
C GLY A 295 -34.91 -3.71 9.43
N PHE A 296 -34.74 -4.15 8.19
CA PHE A 296 -35.83 -4.70 7.43
C PHE A 296 -36.40 -5.94 8.09
N VAL A 297 -35.52 -6.81 8.58
CA VAL A 297 -35.94 -8.02 9.27
C VAL A 297 -36.89 -7.67 10.42
N ILE A 298 -36.41 -6.79 11.28
CA ILE A 298 -37.14 -6.39 12.48
C ILE A 298 -38.44 -5.67 12.15
N PHE A 299 -38.36 -4.64 11.31
CA PHE A 299 -39.49 -3.76 11.14
C PHE A 299 -40.58 -4.34 10.26
N SER A 300 -40.23 -5.26 9.37
CA SER A 300 -41.24 -6.00 8.63
C SER A 300 -42.15 -6.70 9.62
N VAL A 301 -41.54 -7.44 10.54
CA VAL A 301 -42.26 -8.13 11.60
C VAL A 301 -42.96 -7.15 12.56
N LEU A 302 -42.32 -6.02 12.82
CA LEU A 302 -42.89 -5.02 13.70
C LEU A 302 -44.12 -4.36 13.07
N GLY A 303 -44.13 -4.27 11.74
CA GLY A 303 -45.27 -3.73 11.03
C GLY A 303 -46.45 -4.70 11.11
N TYR A 304 -46.14 -5.98 10.96
CA TYR A 304 -47.13 -7.05 11.03
C TYR A 304 -47.78 -7.10 12.41
N MET A 305 -47.03 -6.74 13.44
CA MET A 305 -47.59 -6.69 14.78
C MET A 305 -48.59 -5.54 14.91
N ALA A 306 -48.21 -4.37 14.40
CA ALA A 306 -49.06 -3.18 14.44
C ALA A 306 -50.30 -3.32 13.55
N HIS A 307 -50.22 -4.18 12.54
CA HIS A 307 -51.33 -4.42 11.63
C HIS A 307 -52.31 -5.46 12.20
N THR A 308 -51.87 -6.71 12.21
CA THR A 308 -52.76 -7.81 12.55
C THR A 308 -53.02 -7.93 14.05
N LEU A 309 -52.00 -7.64 14.86
CA LEU A 309 -52.08 -7.87 16.31
C LEU A 309 -52.61 -6.66 17.09
N GLY A 310 -52.78 -5.53 16.39
CA GLY A 310 -53.34 -4.34 17.01
C GLY A 310 -52.54 -3.79 18.18
N VAL A 311 -51.26 -3.53 17.96
CA VAL A 311 -50.41 -2.88 18.96
C VAL A 311 -49.79 -1.62 18.35
N ARG A 312 -49.65 -0.58 19.15
CA ARG A 312 -49.10 0.69 18.66
C ARG A 312 -47.60 0.57 18.39
N ILE A 313 -47.17 1.01 17.22
CA ILE A 313 -45.78 0.84 16.78
C ILE A 313 -44.78 1.33 17.83
N GLU A 314 -45.11 2.43 18.50
CA GLU A 314 -44.27 3.00 19.53
C GLU A 314 -43.87 1.97 20.58
N ASP A 315 -44.83 1.11 20.93
CA ASP A 315 -44.64 0.18 22.04
C ASP A 315 -43.76 -1.00 21.67
N VAL A 316 -43.92 -1.51 20.44
CA VAL A 316 -43.14 -2.66 20.00
C VAL A 316 -41.79 -2.29 19.40
N ALA A 317 -41.57 -1.02 19.10
CA ALA A 317 -40.29 -0.63 18.53
C ALA A 317 -39.36 -0.25 19.66
N THR A 318 -38.37 -1.10 19.89
CA THR A 318 -37.55 -1.06 21.09
C THR A 318 -36.11 -1.26 20.71
N GLU A 319 -35.22 -1.00 21.67
CA GLU A 319 -33.82 -1.29 21.51
C GLU A 319 -33.40 -2.33 22.53
N GLY A 320 -32.14 -2.73 22.45
CA GLY A 320 -31.54 -3.59 23.46
C GLY A 320 -32.17 -4.96 23.55
N PRO A 321 -31.79 -5.70 24.60
CA PRO A 321 -32.24 -7.08 24.84
C PRO A 321 -33.76 -7.23 24.81
N GLY A 322 -34.48 -6.18 25.19
CA GLY A 322 -35.94 -6.24 25.20
C GLY A 322 -36.51 -6.59 23.83
N LEU A 323 -35.89 -6.05 22.80
CA LEU A 323 -36.35 -6.26 21.44
C LEU A 323 -36.30 -7.73 21.04
N VAL A 324 -35.12 -8.34 21.15
CA VAL A 324 -34.93 -9.71 20.70
C VAL A 324 -35.43 -10.79 21.68
N PHE A 325 -35.50 -10.50 22.97
CA PHE A 325 -35.98 -11.52 23.91
C PHE A 325 -37.46 -11.42 24.29
N VAL A 326 -38.14 -10.37 23.83
CA VAL A 326 -39.55 -10.18 24.14
C VAL A 326 -40.39 -9.86 22.91
N VAL A 327 -40.14 -8.69 22.32
CA VAL A 327 -40.98 -8.20 21.22
C VAL A 327 -41.00 -9.13 20.00
N TYR A 328 -39.81 -9.47 19.50
CA TYR A 328 -39.73 -10.32 18.32
C TYR A 328 -40.24 -11.74 18.57
N PRO A 329 -39.83 -12.37 19.67
CA PRO A 329 -40.33 -13.71 19.96
C PRO A 329 -41.86 -13.72 20.12
N ALA A 330 -42.42 -12.57 20.47
CA ALA A 330 -43.86 -12.41 20.61
C ALA A 330 -44.57 -12.57 19.25
N ALA A 331 -44.05 -11.90 18.23
CA ALA A 331 -44.61 -11.99 16.88
C ALA A 331 -44.44 -13.39 16.30
N ILE A 332 -43.28 -13.99 16.53
CA ILE A 332 -43.00 -15.34 16.07
C ILE A 332 -44.05 -16.33 16.54
N ALA A 333 -44.49 -16.16 17.79
CA ALA A 333 -45.41 -17.11 18.42
C ALA A 333 -46.74 -17.15 17.71
N THR A 334 -47.08 -16.03 17.08
CA THR A 334 -48.35 -15.88 16.38
C THR A 334 -48.36 -16.55 15.00
N MET A 335 -47.25 -16.45 14.27
CA MET A 335 -47.22 -16.94 12.89
C MET A 335 -46.99 -18.45 12.81
N PRO A 336 -47.47 -19.05 11.71
CA PRO A 336 -47.40 -20.51 11.49
C PRO A 336 -45.96 -20.99 11.33
N ALA A 337 -45.70 -22.22 11.80
CA ALA A 337 -44.33 -22.74 11.85
C ALA A 337 -43.51 -21.93 12.85
N SER A 338 -44.17 -21.49 13.92
CA SER A 338 -43.53 -20.70 14.95
C SER A 338 -42.28 -21.36 15.54
N THR A 339 -42.37 -22.66 15.80
CA THR A 339 -41.25 -23.37 16.42
C THR A 339 -39.98 -23.29 15.56
N PHE A 340 -40.17 -23.17 14.25
CA PHE A 340 -39.04 -23.06 13.34
C PHE A 340 -38.36 -21.70 13.41
N TRP A 341 -39.14 -20.63 13.34
CA TRP A 341 -38.56 -19.29 13.39
C TRP A 341 -37.90 -18.99 14.74
N ALA A 342 -38.51 -19.49 15.82
CA ALA A 342 -37.95 -19.27 17.15
C ALA A 342 -36.60 -19.95 17.31
N LEU A 343 -36.47 -21.16 16.79
CA LEU A 343 -35.23 -21.93 16.94
C LEU A 343 -34.05 -21.27 16.22
N ILE A 344 -34.26 -20.80 15.00
CA ILE A 344 -33.18 -20.19 14.24
C ILE A 344 -32.90 -18.76 14.69
N PHE A 345 -33.92 -18.09 15.23
CA PHE A 345 -33.74 -16.74 15.75
C PHE A 345 -32.78 -16.73 16.94
N PHE A 346 -33.07 -17.57 17.92
CA PHE A 346 -32.24 -17.64 19.12
C PHE A 346 -30.86 -18.22 18.81
N MET A 347 -30.76 -18.99 17.73
CA MET A 347 -29.47 -19.52 17.33
C MET A 347 -28.66 -18.41 16.68
N MET A 348 -29.33 -17.59 15.87
CA MET A 348 -28.69 -16.42 15.26
C MET A 348 -28.21 -15.48 16.35
N LEU A 349 -29.05 -15.27 17.36
CA LEU A 349 -28.70 -14.36 18.44
C LEU A 349 -27.43 -14.84 19.12
N ALA A 350 -27.30 -16.15 19.26
CA ALA A 350 -26.14 -16.74 19.92
C ALA A 350 -24.87 -16.61 19.07
N THR A 351 -24.96 -17.03 17.81
CA THR A 351 -23.81 -16.94 16.91
C THR A 351 -23.42 -15.50 16.63
N LEU A 352 -24.37 -14.59 16.78
CA LEU A 352 -24.09 -13.17 16.66
C LEU A 352 -23.19 -12.71 17.81
N GLY A 353 -23.43 -13.24 19.01
CA GLY A 353 -22.63 -12.90 20.18
C GLY A 353 -21.26 -13.58 20.18
N LEU A 354 -21.24 -14.86 19.85
CA LEU A 354 -20.03 -15.68 19.89
C LEU A 354 -18.83 -15.08 19.13
N ASP A 355 -19.06 -14.63 17.90
CA ASP A 355 -18.02 -14.00 17.07
C ASP A 355 -17.27 -12.92 17.84
N SER A 356 -18.04 -12.11 18.56
CA SER A 356 -17.51 -10.93 19.22
C SER A 356 -16.77 -11.31 20.49
N SER A 357 -17.29 -12.33 21.19
CA SER A 357 -16.65 -12.81 22.40
C SER A 357 -15.25 -13.36 22.12
N PHE A 358 -15.12 -14.10 21.01
CA PHE A 358 -13.83 -14.58 20.56
C PHE A 358 -12.84 -13.44 20.45
N GLY A 359 -13.22 -12.40 19.71
CA GLY A 359 -12.37 -11.25 19.50
C GLY A 359 -11.92 -10.63 20.81
N GLY A 360 -12.88 -10.36 21.69
CA GLY A 360 -12.61 -9.77 22.98
C GLY A 360 -11.62 -10.60 23.77
N SER A 361 -11.89 -11.90 23.88
CA SER A 361 -10.97 -12.81 24.56
C SER A 361 -9.61 -12.84 23.86
N GLU A 362 -9.63 -12.95 22.54
CA GLU A 362 -8.40 -13.04 21.77
C GLU A 362 -7.52 -11.83 21.99
N ALA A 363 -8.12 -10.64 22.04
CA ALA A 363 -7.38 -9.41 22.29
C ALA A 363 -6.59 -9.54 23.59
N ILE A 364 -7.23 -10.14 24.59
CA ILE A 364 -6.61 -10.35 25.89
C ILE A 364 -5.49 -11.37 25.81
N ILE A 365 -5.80 -12.55 25.27
CA ILE A 365 -4.81 -13.62 25.16
C ILE A 365 -3.57 -13.16 24.38
N THR A 366 -3.78 -12.68 23.16
CA THR A 366 -2.70 -12.19 22.32
C THR A 366 -1.88 -11.12 23.02
N ALA A 367 -2.56 -10.18 23.66
CA ALA A 367 -1.89 -9.08 24.34
C ALA A 367 -0.93 -9.63 25.40
N LEU A 368 -1.42 -10.58 26.19
CA LEU A 368 -0.63 -11.14 27.28
C LEU A 368 0.44 -12.09 26.76
N SER A 369 0.09 -12.91 25.77
CA SER A 369 1.04 -13.85 25.21
C SER A 369 2.32 -13.17 24.73
N ASP A 370 2.17 -12.00 24.12
CA ASP A 370 3.33 -11.26 23.61
C ASP A 370 4.16 -10.65 24.73
N GLU A 371 3.49 -10.07 25.72
CA GLU A 371 4.20 -9.42 26.82
C GLU A 371 4.79 -10.43 27.81
N PHE A 372 4.14 -11.59 27.94
CA PHE A 372 4.58 -12.61 28.88
C PHE A 372 4.72 -13.98 28.24
N PRO A 373 5.91 -14.31 27.71
CA PRO A 373 6.11 -15.60 27.04
C PRO A 373 5.87 -16.74 28.02
N LYS A 374 5.92 -16.42 29.30
CA LYS A 374 5.62 -17.36 30.38
C LYS A 374 4.27 -18.03 30.14
N ILE A 375 3.26 -17.23 29.77
CA ILE A 375 1.93 -17.77 29.51
C ILE A 375 1.68 -18.10 28.04
N LYS A 376 2.67 -17.83 27.19
CA LYS A 376 2.49 -18.01 25.75
C LYS A 376 2.49 -19.47 25.34
N ARG A 377 3.35 -20.27 25.97
CA ARG A 377 3.40 -21.70 25.69
C ARG A 377 2.30 -22.45 26.45
N ASN A 378 1.80 -21.80 27.50
CA ASN A 378 0.84 -22.42 28.42
C ASN A 378 -0.62 -22.13 28.06
N ARG A 379 -0.83 -21.50 26.91
CA ARG A 379 -2.11 -20.96 26.49
C ARG A 379 -3.31 -21.90 26.71
N GLU A 380 -3.19 -23.19 26.40
CA GLU A 380 -4.30 -24.12 26.57
C GLU A 380 -4.78 -24.12 28.02
N LEU A 381 -3.83 -24.01 28.94
CA LEU A 381 -4.16 -23.91 30.36
C LEU A 381 -4.62 -22.51 30.70
N PHE A 382 -4.08 -21.51 30.02
CA PHE A 382 -4.35 -20.11 30.36
C PHE A 382 -5.80 -19.69 30.14
N VAL A 383 -6.35 -19.97 28.97
CA VAL A 383 -7.72 -19.55 28.70
C VAL A 383 -8.68 -20.32 29.59
N ALA A 384 -8.32 -21.56 29.92
CA ALA A 384 -9.09 -22.34 30.89
C ALA A 384 -9.09 -21.60 32.22
N GLY A 385 -7.94 -21.05 32.57
CA GLY A 385 -7.81 -20.28 33.79
C GLY A 385 -8.59 -18.98 33.68
N LEU A 386 -8.76 -18.54 32.44
CA LEU A 386 -9.47 -17.30 32.14
C LEU A 386 -10.98 -17.52 32.19
N PHE A 387 -11.47 -18.36 31.29
CA PHE A 387 -12.88 -18.66 31.21
C PHE A 387 -13.42 -19.19 32.54
N SER A 388 -12.56 -19.80 33.34
CA SER A 388 -12.93 -20.23 34.68
C SER A 388 -13.23 -19.04 35.56
N LEU A 389 -12.36 -18.03 35.50
CA LEU A 389 -12.59 -16.78 36.21
C LEU A 389 -13.86 -16.09 35.70
N TYR A 390 -14.05 -16.11 34.38
CA TYR A 390 -15.27 -15.61 33.76
C TYR A 390 -16.50 -16.31 34.30
N PHE A 391 -16.50 -17.64 34.22
CA PHE A 391 -17.65 -18.42 34.66
C PHE A 391 -17.95 -18.20 36.13
N VAL A 392 -16.92 -18.20 36.97
CA VAL A 392 -17.14 -18.07 38.41
C VAL A 392 -17.83 -16.76 38.74
N VAL A 393 -17.21 -15.64 38.37
CA VAL A 393 -17.83 -14.33 38.63
C VAL A 393 -19.07 -14.18 37.78
N GLY A 394 -19.10 -14.87 36.64
CA GLY A 394 -20.24 -14.83 35.75
C GLY A 394 -21.49 -15.41 36.39
N LEU A 395 -21.31 -16.19 37.45
CA LEU A 395 -22.42 -16.76 38.19
C LEU A 395 -23.27 -15.65 38.82
N ALA A 396 -22.66 -14.50 39.06
CA ALA A 396 -23.37 -13.38 39.65
C ALA A 396 -24.46 -12.90 38.69
N SER A 397 -24.30 -13.17 37.40
CA SER A 397 -25.31 -12.80 36.42
C SER A 397 -26.40 -13.86 36.29
N CYS A 398 -26.13 -15.05 36.84
CA CYS A 398 -27.08 -16.16 36.77
C CYS A 398 -27.95 -16.22 38.02
N THR A 399 -27.79 -15.24 38.91
CA THR A 399 -28.66 -15.14 40.07
C THR A 399 -29.96 -14.46 39.68
N GLN A 400 -30.88 -14.34 40.63
CA GLN A 400 -32.21 -13.83 40.32
C GLN A 400 -32.19 -12.31 40.16
N GLY A 401 -31.24 -11.66 40.82
CA GLY A 401 -31.03 -10.24 40.65
C GLY A 401 -29.89 -10.00 39.68
N GLY A 402 -29.50 -11.07 38.98
CA GLY A 402 -28.35 -11.04 38.07
C GLY A 402 -28.38 -9.98 36.99
N PHE A 403 -29.58 -9.59 36.57
CA PHE A 403 -29.70 -8.55 35.55
C PHE A 403 -29.24 -7.21 36.11
N TYR A 404 -29.53 -6.96 37.38
CA TYR A 404 -29.12 -5.72 38.04
C TYR A 404 -27.60 -5.61 38.00
N PHE A 405 -26.93 -6.74 38.21
CA PHE A 405 -25.47 -6.81 38.11
C PHE A 405 -25.01 -6.61 36.68
N PHE A 406 -25.65 -7.34 35.76
CA PHE A 406 -25.40 -7.18 34.33
C PHE A 406 -25.52 -5.71 33.91
N HIS A 407 -26.65 -5.09 34.23
CA HIS A 407 -26.93 -3.72 33.83
C HIS A 407 -25.91 -2.74 34.40
N LEU A 408 -25.35 -3.10 35.56
CA LEU A 408 -24.33 -2.26 36.18
C LEU A 408 -23.07 -2.21 35.32
N LEU A 409 -22.59 -3.38 34.93
CA LEU A 409 -21.36 -3.46 34.15
C LEU A 409 -21.55 -2.83 32.79
N ASP A 410 -22.73 -3.02 32.20
CA ASP A 410 -23.04 -2.50 30.88
C ASP A 410 -22.87 -0.98 30.79
N ARG A 411 -23.23 -0.27 31.85
CA ARG A 411 -23.11 1.18 31.83
C ARG A 411 -21.69 1.64 32.09
N TYR A 412 -20.99 0.93 32.96
CA TYR A 412 -19.77 1.44 33.56
C TYR A 412 -18.50 0.90 32.91
N ALA A 413 -18.32 -0.42 32.90
CA ALA A 413 -17.06 -1.05 32.49
C ALA A 413 -16.44 -0.46 31.23
N ALA A 414 -17.08 -0.64 30.08
CA ALA A 414 -16.48 -0.17 28.83
C ALA A 414 -16.96 1.20 28.32
N GLY A 415 -17.93 1.82 28.98
CA GLY A 415 -18.55 3.00 28.41
C GLY A 415 -17.74 4.27 28.26
N TYR A 416 -17.22 4.80 29.37
CA TYR A 416 -16.38 6.00 29.26
C TYR A 416 -14.91 5.65 29.28
N SER A 417 -14.62 4.37 29.52
CA SER A 417 -13.24 3.94 29.66
C SER A 417 -12.59 3.88 28.28
N ILE A 418 -13.27 3.23 27.35
CA ILE A 418 -12.67 2.97 26.05
C ILE A 418 -12.60 4.24 25.22
N LEU A 419 -13.45 5.21 25.52
CA LEU A 419 -13.43 6.48 24.80
C LEU A 419 -12.15 7.25 25.06
N VAL A 420 -11.75 7.37 26.32
CA VAL A 420 -10.52 8.09 26.63
C VAL A 420 -9.32 7.27 26.15
N ALA A 421 -9.41 5.96 26.26
CA ALA A 421 -8.33 5.08 25.80
C ALA A 421 -8.06 5.30 24.32
N VAL A 422 -9.12 5.26 23.53
CA VAL A 422 -8.98 5.43 22.09
C VAL A 422 -8.62 6.87 21.76
N PHE A 423 -9.03 7.81 22.60
CA PHE A 423 -8.66 9.21 22.38
C PHE A 423 -7.17 9.40 22.48
N PHE A 424 -6.54 8.68 23.40
CA PHE A 424 -5.09 8.75 23.54
C PHE A 424 -4.43 7.94 22.43
N GLU A 425 -5.12 6.91 21.98
CA GLU A 425 -4.65 6.09 20.86
C GLU A 425 -4.49 6.95 19.62
N ALA A 426 -5.44 7.85 19.40
CA ALA A 426 -5.41 8.77 18.27
C ALA A 426 -4.28 9.77 18.43
N ILE A 427 -4.17 10.35 19.62
CA ILE A 427 -3.17 11.38 19.88
C ILE A 427 -1.77 10.78 19.82
N ALA A 428 -1.63 9.58 20.36
CA ALA A 428 -0.36 8.87 20.32
C ALA A 428 0.10 8.66 18.88
N VAL A 429 -0.74 8.01 18.09
CA VAL A 429 -0.39 7.64 16.72
C VAL A 429 -0.13 8.83 15.82
N SER A 430 -0.78 9.96 16.08
CA SER A 430 -0.68 11.12 15.21
C SER A 430 0.26 12.20 15.74
N TRP A 431 -0.07 12.79 16.88
CA TRP A 431 0.72 13.90 17.40
C TRP A 431 2.08 13.46 17.94
N ILE A 432 2.12 12.33 18.62
CA ILE A 432 3.37 11.85 19.19
C ILE A 432 4.17 11.05 18.16
N TYR A 433 3.63 9.90 17.75
CA TYR A 433 4.29 9.02 16.80
C TYR A 433 4.49 9.73 15.47
N GLY A 434 3.51 10.55 15.11
CA GLY A 434 3.52 11.31 13.86
C GLY A 434 2.74 10.61 12.76
N THR A 435 2.09 11.39 11.90
CA THR A 435 1.32 10.84 10.81
C THR A 435 2.26 10.44 9.68
N ASN A 436 3.27 11.28 9.44
CA ASN A 436 4.26 11.01 8.40
C ASN A 436 5.05 9.76 8.74
N ARG A 437 5.34 9.57 10.02
CA ARG A 437 6.02 8.36 10.47
C ARG A 437 5.09 7.16 10.25
N PHE A 438 3.82 7.35 10.59
CA PHE A 438 2.80 6.33 10.41
C PHE A 438 2.52 6.04 8.93
N SER A 439 2.32 7.09 8.15
CA SER A 439 2.03 6.96 6.72
C SER A 439 3.14 6.19 6.01
N GLU A 440 4.36 6.45 6.44
CA GLU A 440 5.54 5.76 5.91
C GLU A 440 5.47 4.25 6.20
N ASP A 441 5.03 3.90 7.40
CA ASP A 441 4.86 2.50 7.78
C ASP A 441 3.87 1.79 6.85
N ILE A 442 2.78 2.47 6.51
CA ILE A 442 1.75 1.89 5.67
C ILE A 442 2.22 1.69 4.23
N ARG A 443 2.91 2.68 3.69
CA ARG A 443 3.52 2.58 2.37
C ARG A 443 4.43 1.36 2.26
N ASP A 444 5.14 1.04 3.33
CA ASP A 444 6.04 -0.12 3.29
C ASP A 444 5.24 -1.40 3.18
N MET A 445 4.05 -1.42 3.76
CA MET A 445 3.21 -2.61 3.74
C MET A 445 2.44 -2.75 2.43
N ILE A 446 1.55 -1.80 2.16
CA ILE A 446 0.64 -1.89 1.02
C ILE A 446 1.14 -1.16 -0.23
N GLY A 447 2.32 -0.55 -0.11
CA GLY A 447 2.97 0.03 -1.27
C GLY A 447 2.68 1.48 -1.55
N PHE A 448 1.60 2.01 -0.97
CA PHE A 448 1.24 3.41 -1.19
C PHE A 448 0.84 4.10 0.10
N PRO A 449 1.13 5.41 0.22
CA PRO A 449 0.77 6.14 1.43
C PRO A 449 -0.73 6.36 1.54
N PRO A 450 -1.22 6.61 2.77
CA PRO A 450 -2.60 7.02 2.98
C PRO A 450 -2.86 8.38 2.37
N GLY A 451 -4.00 8.56 1.71
CA GLY A 451 -4.34 9.85 1.11
C GLY A 451 -4.38 10.93 2.15
N ARG A 452 -4.29 12.19 1.74
CA ARG A 452 -4.32 13.29 2.70
C ARG A 452 -5.62 13.27 3.48
N TYR A 453 -6.66 12.66 2.89
CA TYR A 453 -7.94 12.53 3.56
C TYR A 453 -7.83 11.74 4.85
N TRP A 454 -7.27 10.53 4.74
CA TRP A 454 -7.09 9.69 5.91
C TRP A 454 -6.20 10.36 6.95
N GLN A 455 -5.21 11.12 6.48
CA GLN A 455 -4.24 11.75 7.37
C GLN A 455 -4.86 12.90 8.15
N VAL A 456 -5.78 13.61 7.52
CA VAL A 456 -6.50 14.69 8.17
C VAL A 456 -7.43 14.12 9.24
N CYS A 457 -8.13 13.05 8.89
CA CYS A 457 -9.07 12.44 9.83
C CYS A 457 -8.37 11.92 11.07
N TRP A 458 -7.26 11.21 10.87
CA TRP A 458 -6.53 10.61 11.99
C TRP A 458 -6.05 11.66 12.97
N ARG A 459 -5.75 12.85 12.43
CA ARG A 459 -5.13 13.90 13.20
C ARG A 459 -6.17 14.85 13.81
N PHE A 460 -6.86 15.63 12.98
CA PHE A 460 -7.87 16.57 13.48
C PHE A 460 -9.29 16.01 13.75
N VAL A 461 -9.82 15.17 12.86
CA VAL A 461 -11.22 14.73 12.98
C VAL A 461 -11.46 13.71 14.08
N ALA A 462 -10.61 12.68 14.14
CA ALA A 462 -10.73 11.60 15.11
C ALA A 462 -10.87 12.09 16.55
N PRO A 463 -9.92 12.91 17.02
CA PRO A 463 -9.96 13.42 18.39
C PRO A 463 -11.22 14.25 18.67
N ILE A 464 -11.59 15.14 17.74
CA ILE A 464 -12.78 15.96 17.90
C ILE A 464 -14.04 15.08 17.87
N PHE A 465 -14.01 14.06 17.02
CA PHE A 465 -15.10 13.09 16.90
C PHE A 465 -15.29 12.34 18.22
N LEU A 466 -14.19 11.84 18.76
CA LEU A 466 -14.21 11.15 20.04
C LEU A 466 -14.64 12.08 21.16
N LEU A 467 -14.03 13.26 21.18
CA LEU A 467 -14.33 14.28 22.18
C LEU A 467 -15.80 14.70 22.11
N PHE A 468 -16.33 14.76 20.88
CA PHE A 468 -17.72 15.11 20.65
C PHE A 468 -18.66 14.11 21.32
N ILE A 469 -18.37 12.82 21.13
CA ILE A 469 -19.14 11.76 21.76
C ILE A 469 -19.01 11.79 23.28
N THR A 470 -17.79 11.95 23.77
CA THR A 470 -17.53 11.92 25.21
C THR A 470 -18.25 13.06 25.93
N VAL A 471 -18.22 14.24 25.33
CA VAL A 471 -18.82 15.41 25.96
C VAL A 471 -20.32 15.24 26.15
N TYR A 472 -21.02 14.86 25.08
CA TYR A 472 -22.46 14.66 25.15
C TYR A 472 -22.85 13.42 25.95
N GLY A 473 -21.90 12.51 26.13
CA GLY A 473 -22.13 11.35 26.98
C GLY A 473 -22.16 11.78 28.44
N LEU A 474 -21.32 12.75 28.76
CA LEU A 474 -21.25 13.30 30.10
C LEU A 474 -22.39 14.29 30.36
N ILE A 475 -22.71 15.09 29.35
CA ILE A 475 -23.78 16.08 29.46
C ILE A 475 -25.12 15.44 29.84
N GLY A 476 -25.47 14.38 29.13
CA GLY A 476 -26.74 13.72 29.32
C GLY A 476 -26.71 12.62 30.38
N TYR A 477 -25.62 12.58 31.15
CA TYR A 477 -25.46 11.55 32.17
C TYR A 477 -26.49 11.65 33.29
N GLU A 478 -27.02 10.49 33.71
CA GLU A 478 -27.93 10.39 34.84
C GLU A 478 -27.51 9.20 35.71
N PRO A 479 -27.84 9.22 37.01
CA PRO A 479 -27.50 8.10 37.89
C PRO A 479 -28.12 6.79 37.39
N LEU A 480 -27.52 5.66 37.76
CA LEU A 480 -27.91 4.38 37.18
C LEU A 480 -29.30 3.94 37.65
N THR A 481 -30.15 3.62 36.67
CA THR A 481 -31.53 3.25 36.91
C THR A 481 -31.96 2.12 36.00
N TYR A 482 -32.68 1.15 36.55
CA TYR A 482 -33.36 0.19 35.67
C TYR A 482 -34.82 0.01 36.08
N ALA A 483 -35.71 0.23 35.10
CA ALA A 483 -37.13 0.24 35.34
C ALA A 483 -37.44 1.21 36.48
N ASP A 484 -38.16 0.72 37.48
CA ASP A 484 -38.61 1.55 38.58
C ASP A 484 -37.56 1.59 39.68
N TYR A 485 -36.51 0.80 39.52
CA TYR A 485 -35.45 0.66 40.52
C TYR A 485 -34.35 1.71 40.36
N VAL A 486 -33.85 2.21 41.48
CA VAL A 486 -32.79 3.21 41.45
C VAL A 486 -31.57 2.72 42.26
N TYR A 487 -30.47 2.50 41.56
CA TYR A 487 -29.24 2.02 42.17
C TYR A 487 -28.73 2.95 43.26
N PRO A 488 -28.24 2.37 44.37
CA PRO A 488 -27.68 3.13 45.49
C PRO A 488 -26.42 3.90 45.09
N SER A 489 -26.09 4.94 45.85
CA SER A 489 -24.91 5.75 45.53
C SER A 489 -23.63 4.92 45.57
N TRP A 490 -23.58 3.93 46.45
CA TRP A 490 -22.40 3.09 46.59
C TRP A 490 -22.25 2.17 45.38
N ALA A 491 -23.35 1.91 44.69
CA ALA A 491 -23.33 1.09 43.50
C ALA A 491 -22.71 1.85 42.33
N ASN A 492 -23.12 3.11 42.16
CA ASN A 492 -22.54 3.97 41.14
C ASN A 492 -21.04 4.14 41.34
N ALA A 493 -20.63 4.34 42.59
CA ALA A 493 -19.23 4.54 42.91
C ALA A 493 -18.42 3.30 42.55
N LEU A 494 -19.04 2.13 42.71
CA LEU A 494 -18.37 0.88 42.37
C LEU A 494 -18.09 0.81 40.88
N GLY A 495 -19.07 1.22 40.08
CA GLY A 495 -18.91 1.26 38.64
C GLY A 495 -17.85 2.25 38.20
N TRP A 496 -17.77 3.39 38.89
CA TRP A 496 -16.79 4.41 38.54
C TRP A 496 -15.37 3.93 38.80
N CYS A 497 -15.21 3.06 39.79
CA CYS A 497 -13.92 2.41 40.01
C CYS A 497 -13.61 1.51 38.84
N ILE A 498 -14.60 0.72 38.44
CA ILE A 498 -14.48 -0.16 37.28
C ILE A 498 -14.21 0.66 36.02
N ALA A 499 -14.89 1.79 35.91
CA ALA A 499 -14.70 2.68 34.77
C ALA A 499 -13.33 3.34 34.84
N GLY A 500 -12.90 3.65 36.06
CA GLY A 500 -11.67 4.38 36.27
C GLY A 500 -10.44 3.49 36.41
N SER A 501 -10.63 2.21 36.72
CA SER A 501 -9.50 1.34 36.95
C SER A 501 -8.71 1.09 35.67
N SER A 502 -9.42 1.05 34.54
CA SER A 502 -8.78 0.89 33.24
C SER A 502 -8.06 2.17 32.81
N VAL A 503 -8.80 3.28 32.85
CA VAL A 503 -8.28 4.56 32.40
C VAL A 503 -7.07 5.01 33.21
N VAL A 504 -7.05 4.70 34.50
CA VAL A 504 -5.99 5.15 35.40
C VAL A 504 -4.63 4.58 34.98
N MET A 505 -4.64 3.46 34.27
CA MET A 505 -3.43 2.83 33.77
C MET A 505 -2.61 3.74 32.86
N ILE A 506 -3.28 4.62 32.13
CA ILE A 506 -2.59 5.48 31.18
C ILE A 506 -1.59 6.40 31.90
N PRO A 507 -2.08 7.23 32.85
CA PRO A 507 -1.16 8.07 33.62
C PRO A 507 -0.26 7.26 34.57
N ALA A 508 -0.78 6.19 35.13
CA ALA A 508 -0.01 5.35 36.05
C ALA A 508 1.27 4.84 35.40
N VAL A 509 1.11 4.15 34.27
CA VAL A 509 2.26 3.63 33.55
C VAL A 509 3.21 4.74 33.09
N ALA A 510 2.65 5.88 32.68
CA ALA A 510 3.47 7.00 32.24
C ALA A 510 4.34 7.51 33.38
N ILE A 511 3.70 7.85 34.50
CA ILE A 511 4.41 8.32 35.69
C ILE A 511 5.45 7.31 36.18
N PHE A 512 5.04 6.05 36.26
CA PHE A 512 5.93 4.99 36.69
C PHE A 512 7.14 4.81 35.76
N LYS A 513 6.87 4.68 34.46
CA LYS A 513 7.94 4.49 33.47
C LYS A 513 8.84 5.73 33.36
N LEU A 514 8.30 6.87 33.76
CA LEU A 514 9.01 8.13 33.70
C LEU A 514 10.06 8.23 34.82
N LEU A 515 9.71 7.70 36.00
CA LEU A 515 10.61 7.75 37.15
C LEU A 515 11.63 6.61 37.13
N SER A 516 11.38 5.62 36.28
CA SER A 516 12.24 4.44 36.20
C SER A 516 13.31 4.56 35.12
N THR A 517 13.41 5.73 34.48
CA THR A 517 14.48 5.97 33.52
C THR A 517 15.43 7.07 34.00
N PRO A 518 16.71 6.99 33.59
CA PRO A 518 17.78 7.95 33.89
C PRO A 518 17.69 9.22 33.02
N GLY A 519 18.32 10.31 33.45
CA GLY A 519 18.41 11.51 32.64
C GLY A 519 17.53 12.67 33.06
N SER A 520 17.53 13.72 32.26
CA SER A 520 16.75 14.93 32.55
C SER A 520 15.26 14.70 32.36
N LEU A 521 14.46 15.75 32.57
CA LEU A 521 13.03 15.67 32.30
C LEU A 521 12.78 15.56 30.80
N ARG A 522 13.32 16.52 30.05
CA ARG A 522 13.14 16.54 28.59
C ARG A 522 13.95 15.43 27.94
N GLN A 523 15.02 15.00 28.60
CA GLN A 523 15.87 13.93 28.09
C GLN A 523 15.17 12.57 28.24
N ARG A 524 14.32 12.47 29.25
CA ARG A 524 13.54 11.24 29.49
C ARG A 524 12.33 11.13 28.55
N PHE A 525 11.72 12.26 28.22
CA PHE A 525 10.58 12.26 27.30
C PHE A 525 10.99 11.75 25.93
N THR A 526 12.12 12.23 25.42
CA THR A 526 12.61 11.77 24.13
C THR A 526 12.87 10.26 24.19
N ILE A 527 13.29 9.77 25.35
CA ILE A 527 13.51 8.33 25.53
C ILE A 527 12.19 7.57 25.49
N LEU A 528 11.15 8.17 26.06
CA LEU A 528 9.84 7.52 26.09
C LEU A 528 8.96 7.84 24.88
N THR A 529 9.35 8.84 24.09
CA THR A 529 8.66 9.10 22.82
C THR A 529 9.38 8.49 21.61
N THR A 530 10.48 7.79 21.84
CA THR A 530 11.19 7.11 20.74
C THR A 530 10.62 5.72 20.47
N PRO A 531 10.07 5.51 19.28
CA PRO A 531 9.55 4.21 18.85
C PRO A 531 10.59 3.10 18.95
N TRP A 532 10.12 1.87 19.12
CA TRP A 532 10.99 0.71 19.21
C TRP A 532 11.70 0.42 17.89
N ARG A 533 11.05 0.77 16.77
CA ARG A 533 11.62 0.57 15.45
C ARG A 533 12.84 1.45 15.23
N ASP A 534 12.77 2.68 15.71
CA ASP A 534 13.84 3.66 15.53
C ASP A 534 15.10 3.29 16.31
N GLN A 535 14.93 2.69 17.49
CA GLN A 535 16.06 2.15 18.25
C GLN A 535 16.58 0.86 17.61
N GLN A 536 15.77 0.29 16.72
CA GLN A 536 16.08 -0.98 16.07
C GLN A 536 16.18 -2.13 17.06
N GLU B 1 15.06 -13.78 -7.45
CA GLU B 1 15.02 -12.54 -8.21
C GLU B 1 14.17 -12.71 -9.47
N ASN B 2 13.28 -11.75 -9.72
CA ASN B 2 12.30 -11.92 -10.76
C ASN B 2 12.77 -11.22 -12.03
N VAL B 3 13.19 -12.01 -13.01
CA VAL B 3 13.81 -11.45 -14.20
C VAL B 3 12.78 -11.23 -15.29
N LEU B 4 12.77 -10.02 -15.84
CA LEU B 4 11.85 -9.68 -16.91
C LEU B 4 12.58 -9.71 -18.25
N THR B 5 12.14 -10.60 -19.13
CA THR B 5 12.69 -10.68 -20.48
C THR B 5 11.72 -10.03 -21.47
N GLN B 6 12.27 -9.24 -22.39
CA GLN B 6 11.47 -8.59 -23.42
C GLN B 6 11.87 -9.07 -24.80
N SER B 7 10.87 -9.21 -25.66
CA SER B 7 11.11 -9.46 -27.08
C SER B 7 10.07 -8.71 -27.91
N PRO B 8 10.46 -8.34 -29.14
CA PRO B 8 11.80 -8.57 -29.70
C PRO B 8 12.87 -7.73 -29.03
N ALA B 9 14.14 -8.08 -29.24
CA ALA B 9 15.25 -7.23 -28.81
C ALA B 9 15.23 -5.94 -29.60
N ILE B 10 15.19 -6.05 -30.91
CA ILE B 10 15.07 -4.89 -31.78
C ILE B 10 13.95 -5.11 -32.78
N MET B 11 13.26 -4.05 -33.13
CA MET B 11 12.24 -4.13 -34.15
C MET B 11 12.16 -2.84 -34.93
N SER B 12 11.92 -2.98 -36.23
CA SER B 12 11.78 -1.84 -37.12
C SER B 12 10.33 -1.73 -37.50
N THR B 13 9.82 -0.51 -37.58
CA THR B 13 8.42 -0.32 -37.92
C THR B 13 8.23 0.87 -38.84
N SER B 14 7.45 0.65 -39.89
CA SER B 14 7.10 1.71 -40.81
C SER B 14 6.01 2.59 -40.17
N PRO B 15 6.21 3.92 -40.17
CA PRO B 15 5.27 4.84 -39.52
C PRO B 15 3.82 4.61 -39.92
N GLY B 16 2.92 4.73 -38.96
CA GLY B 16 1.52 4.43 -39.19
C GLY B 16 1.18 3.00 -38.86
N GLU B 17 2.20 2.13 -38.87
CA GLU B 17 1.98 0.71 -38.60
C GLU B 17 1.67 0.46 -37.14
N LYS B 18 1.42 -0.80 -36.81
CA LYS B 18 1.07 -1.21 -35.46
C LYS B 18 2.22 -2.03 -34.89
N VAL B 19 2.68 -1.66 -33.71
CA VAL B 19 3.74 -2.42 -33.08
C VAL B 19 3.26 -3.05 -31.79
N THR B 20 3.60 -4.32 -31.62
CA THR B 20 3.40 -5.00 -30.34
C THR B 20 4.72 -5.55 -29.86
N MET B 21 4.95 -5.40 -28.55
CA MET B 21 6.14 -5.91 -27.89
C MET B 21 5.74 -6.54 -26.56
N THR B 22 6.42 -7.61 -26.18
CA THR B 22 6.04 -8.37 -25.00
C THR B 22 7.10 -8.32 -23.90
N CYS B 23 6.63 -8.50 -22.66
CA CYS B 23 7.50 -8.57 -21.49
C CYS B 23 7.06 -9.74 -20.63
N ARG B 24 7.90 -10.74 -20.45
CA ARG B 24 7.49 -11.90 -19.67
C ARG B 24 8.42 -12.13 -18.47
N ALA B 25 7.82 -12.46 -17.34
CA ALA B 25 8.54 -12.55 -16.08
C ALA B 25 8.71 -13.99 -15.62
N SER B 26 9.79 -14.26 -14.91
CA SER B 26 10.07 -15.61 -14.44
C SER B 26 9.08 -15.99 -13.33
N SER B 27 8.61 -14.99 -12.60
CA SER B 27 7.63 -15.20 -11.54
C SER B 27 6.47 -14.25 -11.74
N SER B 28 5.27 -14.66 -11.34
CA SER B 28 4.07 -13.87 -11.57
C SER B 28 4.22 -12.49 -10.95
N VAL B 29 3.61 -11.50 -11.60
CA VAL B 29 3.65 -10.14 -11.11
C VAL B 29 2.21 -9.63 -10.98
N GLY B 30 1.93 -8.92 -9.90
CA GLY B 30 0.65 -8.26 -9.75
C GLY B 30 0.45 -7.27 -10.89
N SER B 31 -0.69 -7.37 -11.55
CA SER B 31 -0.98 -6.54 -12.71
C SER B 31 -0.83 -5.05 -12.41
N SER B 32 -0.97 -4.68 -11.14
CA SER B 32 -0.89 -3.27 -10.77
C SER B 32 0.55 -2.86 -10.47
N TYR B 33 1.45 -3.84 -10.39
CA TYR B 33 2.87 -3.57 -10.12
C TYR B 33 3.73 -3.52 -11.38
N LEU B 34 3.13 -3.67 -12.55
CA LEU B 34 3.93 -3.71 -13.76
C LEU B 34 3.87 -2.39 -14.52
N HIS B 35 5.04 -1.86 -14.86
CA HIS B 35 5.13 -0.53 -15.47
C HIS B 35 6.04 -0.51 -16.69
N TRP B 36 5.87 0.50 -17.53
CA TRP B 36 6.66 0.63 -18.75
C TRP B 36 7.33 1.98 -18.83
N TYR B 37 8.57 1.98 -19.29
CA TYR B 37 9.35 3.19 -19.43
C TYR B 37 9.82 3.35 -20.85
N GLN B 38 9.69 4.56 -21.38
CA GLN B 38 10.29 4.89 -22.66
C GLN B 38 11.55 5.70 -22.44
N GLN B 39 12.66 5.24 -23.02
CA GLN B 39 13.90 6.00 -22.93
C GLN B 39 14.39 6.36 -24.32
N LYS B 40 14.39 7.65 -24.64
CA LYS B 40 14.92 8.11 -25.91
C LYS B 40 16.44 8.22 -25.86
N SER B 41 17.08 8.05 -27.02
CA SER B 41 18.54 8.00 -27.10
C SER B 41 19.22 9.25 -26.56
N GLY B 42 20.15 9.06 -25.64
CA GLY B 42 20.89 10.17 -25.05
C GLY B 42 20.07 10.95 -24.04
N ALA B 43 18.91 10.39 -23.68
CA ALA B 43 18.06 11.00 -22.68
C ALA B 43 17.83 10.01 -21.54
N SER B 44 17.36 10.52 -20.40
CA SER B 44 17.00 9.65 -19.29
C SER B 44 15.60 9.12 -19.48
N PRO B 45 15.33 7.95 -18.89
CA PRO B 45 14.03 7.26 -19.00
C PRO B 45 12.85 8.14 -18.59
N LYS B 46 11.69 7.88 -19.16
CA LYS B 46 10.44 8.52 -18.75
C LYS B 46 9.38 7.47 -18.44
N LEU B 47 8.68 7.62 -17.31
CA LEU B 47 7.54 6.75 -17.02
C LEU B 47 6.50 6.83 -18.12
N TRP B 48 6.08 5.69 -18.63
CA TRP B 48 5.18 5.65 -19.78
C TRP B 48 3.82 5.03 -19.41
N ILE B 49 3.84 3.76 -19.04
CA ILE B 49 2.65 3.07 -18.58
C ILE B 49 2.88 2.48 -17.19
N TYR B 50 1.88 2.59 -16.32
CA TYR B 50 1.95 2.03 -14.99
C TYR B 50 0.69 1.21 -14.71
N SER B 51 0.80 0.16 -13.89
CA SER B 51 -0.36 -0.69 -13.59
C SER B 51 -0.77 -1.48 -14.84
N THR B 52 0.02 -1.26 -15.89
CA THR B 52 0.00 -1.96 -17.18
C THR B 52 -1.07 -1.53 -18.17
N SER B 53 -2.19 -0.96 -17.72
CA SER B 53 -3.14 -0.35 -18.65
C SER B 53 -3.11 1.19 -18.66
N ASN B 54 -2.37 1.80 -17.74
CA ASN B 54 -2.52 3.23 -17.47
C ASN B 54 -1.44 4.15 -18.04
N LEU B 55 -1.82 4.99 -19.00
CA LEU B 55 -0.89 5.95 -19.60
C LEU B 55 -0.51 7.05 -18.62
N ALA B 56 0.74 7.51 -18.69
CA ALA B 56 1.21 8.60 -17.85
C ALA B 56 0.94 9.95 -18.51
N SER B 57 1.26 11.03 -17.83
CA SER B 57 0.96 12.36 -18.34
C SER B 57 1.81 12.67 -19.57
N GLY B 58 1.15 13.12 -20.63
CA GLY B 58 1.83 13.49 -21.86
C GLY B 58 1.93 12.35 -22.85
N VAL B 59 1.59 11.14 -22.38
CA VAL B 59 1.64 9.98 -23.25
C VAL B 59 0.42 9.96 -24.15
N PRO B 60 0.65 9.99 -25.46
CA PRO B 60 -0.44 10.03 -26.44
C PRO B 60 -1.28 8.76 -26.39
N ALA B 61 -2.50 8.83 -26.91
CA ALA B 61 -3.47 7.75 -26.79
C ALA B 61 -3.11 6.56 -27.67
N ARG B 62 -2.14 6.73 -28.56
CA ARG B 62 -1.78 5.66 -29.49
C ARG B 62 -1.15 4.51 -28.72
N PHE B 63 -0.73 4.78 -27.49
CA PHE B 63 -0.10 3.77 -26.64
C PHE B 63 -1.10 3.05 -25.74
N SER B 64 -0.92 1.75 -25.59
CA SER B 64 -1.74 0.95 -24.72
C SER B 64 -0.91 -0.19 -24.12
N GLY B 65 -1.42 -0.83 -23.08
CA GLY B 65 -0.73 -1.96 -22.51
C GLY B 65 -1.69 -2.95 -21.87
N SER B 66 -1.28 -4.20 -21.82
CA SER B 66 -2.12 -5.26 -21.28
C SER B 66 -1.27 -6.43 -20.79
N GLY B 67 -1.82 -7.22 -19.89
CA GLY B 67 -1.14 -8.41 -19.41
C GLY B 67 -1.58 -8.86 -18.04
N SER B 68 -1.09 -10.02 -17.62
CA SER B 68 -1.33 -10.52 -16.29
C SER B 68 -0.31 -11.61 -15.96
N GLY B 69 -0.15 -11.92 -14.69
CA GLY B 69 0.71 -13.02 -14.30
C GLY B 69 2.15 -12.79 -14.71
N THR B 70 2.65 -13.70 -15.52
CA THR B 70 4.00 -13.61 -16.06
C THR B 70 4.07 -13.01 -17.46
N SER B 71 2.93 -12.59 -18.01
CA SER B 71 2.92 -12.13 -19.40
C SER B 71 2.26 -10.76 -19.59
N TYR B 72 3.03 -9.81 -20.14
CA TYR B 72 2.53 -8.46 -20.40
C TYR B 72 3.02 -7.95 -21.77
N SER B 73 2.36 -6.92 -22.29
CA SER B 73 2.73 -6.38 -23.59
C SER B 73 2.41 -4.89 -23.76
N LEU B 74 3.23 -4.23 -24.57
CA LEU B 74 3.00 -2.83 -24.93
C LEU B 74 2.64 -2.75 -26.42
N THR B 75 1.58 -2.03 -26.74
CA THR B 75 1.12 -1.91 -28.12
C THR B 75 0.98 -0.45 -28.54
N ILE B 76 1.42 -0.16 -29.76
CA ILE B 76 1.24 1.16 -30.34
C ILE B 76 0.34 1.03 -31.55
N SER B 77 -0.80 1.71 -31.50
CA SER B 77 -1.83 1.61 -32.55
C SER B 77 -1.32 2.07 -33.91
N SER B 78 -0.93 3.35 -33.96
CA SER B 78 -0.35 3.92 -35.17
C SER B 78 0.97 4.57 -34.80
N VAL B 79 2.07 4.01 -35.28
CA VAL B 79 3.39 4.42 -34.83
C VAL B 79 3.83 5.72 -35.49
N GLU B 80 4.61 6.51 -34.77
CA GLU B 80 5.17 7.73 -35.32
C GLU B 80 6.67 7.77 -35.10
N ALA B 81 7.33 8.78 -35.67
CA ALA B 81 8.79 8.82 -35.63
C ALA B 81 9.25 9.23 -34.24
N GLU B 82 8.39 9.95 -33.53
CA GLU B 82 8.73 10.39 -32.18
C GLU B 82 8.49 9.26 -31.19
N ASP B 83 8.08 8.12 -31.72
CA ASP B 83 7.91 6.92 -30.91
C ASP B 83 9.16 6.04 -30.92
N ALA B 84 10.16 6.43 -31.69
CA ALA B 84 11.34 5.60 -31.80
C ALA B 84 12.18 5.78 -30.55
N ALA B 85 12.37 4.69 -29.81
CA ALA B 85 13.07 4.71 -28.53
C ALA B 85 13.28 3.27 -28.08
N THR B 86 13.87 3.10 -26.90
CA THR B 86 13.92 1.79 -26.28
C THR B 86 12.88 1.73 -25.17
N TYR B 87 12.09 0.66 -25.13
CA TYR B 87 11.07 0.54 -24.10
C TYR B 87 11.42 -0.49 -23.02
N TYR B 88 11.32 -0.08 -21.76
CA TYR B 88 11.65 -0.94 -20.61
C TYR B 88 10.44 -1.23 -19.74
N CYS B 89 10.13 -2.52 -19.55
CA CYS B 89 9.15 -2.91 -18.54
C CYS B 89 9.81 -3.01 -17.15
N GLN B 90 9.03 -2.71 -16.11
CA GLN B 90 9.57 -2.76 -14.76
C GLN B 90 8.60 -3.43 -13.79
N GLN B 91 9.14 -4.22 -12.87
CA GLN B 91 8.33 -4.89 -11.86
C GLN B 91 8.54 -4.25 -10.49
N PHE B 92 7.46 -3.75 -9.90
CA PHE B 92 7.50 -3.22 -8.54
C PHE B 92 6.94 -4.24 -7.52
N SER B 93 6.60 -5.43 -8.01
CA SER B 93 5.94 -6.44 -7.18
C SER B 93 6.70 -6.81 -5.91
N GLY B 94 8.00 -7.01 -6.02
CA GLY B 94 8.82 -7.36 -4.86
C GLY B 94 10.29 -7.02 -5.05
N TYR B 95 11.04 -7.02 -3.95
CA TYR B 95 12.47 -6.76 -4.00
C TYR B 95 13.26 -8.05 -4.22
N PRO B 96 14.39 -7.96 -4.95
CA PRO B 96 14.87 -6.71 -5.54
C PRO B 96 14.06 -6.27 -6.76
N LEU B 97 13.95 -4.96 -6.97
CA LEU B 97 13.26 -4.41 -8.13
C LEU B 97 14.03 -4.71 -9.42
N THR B 98 13.32 -5.18 -10.44
CA THR B 98 13.96 -5.55 -11.70
C THR B 98 13.34 -4.82 -12.90
N PHE B 99 14.18 -4.54 -13.89
CA PHE B 99 13.76 -3.95 -15.16
C PHE B 99 13.86 -4.98 -16.28
N GLY B 100 12.98 -4.87 -17.26
CA GLY B 100 13.03 -5.75 -18.42
C GLY B 100 14.28 -5.52 -19.24
N SER B 101 14.60 -6.48 -20.11
CA SER B 101 15.78 -6.41 -20.95
C SER B 101 15.68 -5.31 -22.00
N GLY B 102 14.47 -4.81 -22.22
CA GLY B 102 14.26 -3.73 -23.18
C GLY B 102 13.98 -4.15 -24.61
N THR B 103 13.21 -3.32 -25.30
CA THR B 103 12.86 -3.49 -26.71
C THR B 103 13.15 -2.19 -27.47
N LYS B 104 14.08 -2.24 -28.41
CA LYS B 104 14.48 -1.04 -29.15
C LYS B 104 13.61 -0.85 -30.39
N LEU B 105 12.94 0.29 -30.48
CA LEU B 105 12.05 0.57 -31.59
C LEU B 105 12.72 1.46 -32.62
N GLU B 106 12.67 1.04 -33.88
CA GLU B 106 13.29 1.81 -34.95
C GLU B 106 12.33 2.00 -36.12
N MET B 107 12.60 2.99 -36.96
CA MET B 107 11.72 3.28 -38.08
C MET B 107 12.18 2.64 -39.37
N LYS B 108 11.28 1.99 -40.09
CA LYS B 108 11.57 1.50 -41.43
C LYS B 108 11.73 2.70 -42.35
N ARG B 109 12.58 2.55 -43.35
CA ARG B 109 12.91 3.63 -44.25
C ARG B 109 13.32 2.98 -45.57
N ALA B 110 13.19 3.70 -46.67
CA ALA B 110 13.61 3.16 -47.96
C ALA B 110 15.12 2.95 -47.99
N ASP B 111 15.55 1.82 -48.54
CA ASP B 111 16.97 1.52 -48.66
C ASP B 111 17.72 2.64 -49.37
N ALA B 112 18.87 3.00 -48.84
CA ALA B 112 19.69 4.06 -49.41
C ALA B 112 21.16 3.66 -49.31
N ALA B 113 21.88 3.72 -50.43
CA ALA B 113 23.29 3.36 -50.41
C ALA B 113 24.11 4.43 -49.71
N PRO B 114 25.22 4.01 -49.09
CA PRO B 114 26.06 4.94 -48.34
C PRO B 114 26.91 5.81 -49.25
N THR B 115 27.66 6.73 -48.65
CA THR B 115 28.61 7.55 -49.40
C THR B 115 29.96 7.47 -48.71
N VAL B 116 30.94 6.86 -49.39
CA VAL B 116 32.24 6.57 -48.80
C VAL B 116 33.26 7.71 -48.97
N SER B 117 33.98 8.01 -47.90
CA SER B 117 35.00 9.05 -47.93
C SER B 117 36.27 8.56 -47.24
N ILE B 118 37.43 8.73 -47.88
CA ILE B 118 38.69 8.32 -47.27
C ILE B 118 39.48 9.53 -46.80
N PHE B 119 40.18 9.37 -45.67
CA PHE B 119 40.94 10.46 -45.08
C PHE B 119 42.32 10.01 -44.60
N PRO B 120 43.35 10.11 -45.46
CA PRO B 120 44.72 9.68 -45.11
C PRO B 120 45.28 10.43 -43.91
N PRO B 121 46.26 9.83 -43.20
CA PRO B 121 46.79 10.38 -41.95
C PRO B 121 47.24 11.83 -42.03
N SER B 122 46.85 12.61 -41.02
CA SER B 122 47.23 14.00 -40.91
C SER B 122 48.72 14.12 -40.63
N SER B 123 49.32 15.25 -41.01
CA SER B 123 50.75 15.47 -40.79
C SER B 123 51.05 15.62 -39.29
N GLU B 124 50.09 16.16 -38.55
CA GLU B 124 50.25 16.29 -37.09
C GLU B 124 50.40 14.91 -36.47
N GLN B 125 49.71 13.93 -37.05
CA GLN B 125 49.76 12.56 -36.59
C GLN B 125 51.05 11.86 -37.04
N LEU B 126 51.53 12.26 -38.21
CA LEU B 126 52.73 11.67 -38.79
C LEU B 126 54.01 12.29 -38.23
N THR B 127 53.88 13.30 -37.37
CA THR B 127 55.06 13.82 -36.66
C THR B 127 55.39 12.88 -35.51
N SER B 128 54.36 12.31 -34.91
CA SER B 128 54.53 11.22 -33.95
C SER B 128 54.55 9.90 -34.73
N GLY B 129 54.75 8.79 -34.02
CA GLY B 129 54.96 7.52 -34.68
C GLY B 129 53.79 6.96 -35.48
N GLY B 130 52.59 7.45 -35.21
CA GLY B 130 51.38 6.83 -35.75
C GLY B 130 50.82 7.32 -37.07
N ALA B 131 50.15 6.42 -37.77
CA ALA B 131 49.42 6.75 -38.99
C ALA B 131 48.04 6.08 -38.98
N SER B 132 46.98 6.88 -39.01
CA SER B 132 45.62 6.37 -39.03
C SER B 132 44.83 6.87 -40.22
N VAL B 133 44.44 5.96 -41.11
CA VAL B 133 43.59 6.31 -42.24
C VAL B 133 42.14 5.95 -41.92
N VAL B 134 41.23 6.90 -42.09
CA VAL B 134 39.84 6.70 -41.69
C VAL B 134 38.89 6.73 -42.89
N CYS B 135 37.76 6.05 -42.74
CA CYS B 135 36.76 5.97 -43.79
C CYS B 135 35.38 6.31 -43.21
N PHE B 136 34.61 7.12 -43.93
CA PHE B 136 33.25 7.47 -43.51
C PHE B 136 32.22 6.87 -44.46
N LEU B 137 31.27 6.12 -43.91
CA LEU B 137 30.17 5.58 -44.70
C LEU B 137 28.87 6.20 -44.21
N ASN B 138 28.27 7.08 -45.01
CA ASN B 138 27.21 7.94 -44.49
C ASN B 138 25.81 7.78 -45.09
N ASN B 139 24.82 7.92 -44.20
CA ASN B 139 23.42 8.01 -44.58
C ASN B 139 22.93 6.84 -45.43
N PHE B 140 23.12 5.65 -44.90
CA PHE B 140 22.69 4.42 -45.58
C PHE B 140 21.60 3.74 -44.77
N TYR B 141 20.80 2.93 -45.46
CA TYR B 141 19.83 2.08 -44.80
C TYR B 141 19.69 0.78 -45.58
N PRO B 142 19.49 -0.36 -44.90
CA PRO B 142 19.35 -0.52 -43.44
C PRO B 142 20.69 -0.55 -42.72
N LYS B 143 20.65 -0.83 -41.41
CA LYS B 143 21.79 -0.63 -40.52
C LYS B 143 23.03 -1.43 -40.92
N ASP B 144 22.86 -2.68 -41.28
CA ASP B 144 24.03 -3.52 -41.49
C ASP B 144 24.87 -3.06 -42.67
N ILE B 145 26.16 -2.86 -42.41
CA ILE B 145 27.11 -2.45 -43.42
C ILE B 145 28.39 -3.23 -43.16
N ASN B 146 29.19 -3.45 -44.20
CA ASN B 146 30.45 -4.19 -44.01
C ASN B 146 31.63 -3.50 -44.69
N VAL B 147 32.66 -3.21 -43.90
CA VAL B 147 33.84 -2.53 -44.41
C VAL B 147 35.02 -3.48 -44.55
N LYS B 148 35.75 -3.33 -45.64
CA LYS B 148 37.00 -4.07 -45.83
C LYS B 148 38.13 -3.09 -46.16
N TRP B 149 39.27 -3.26 -45.49
CA TRP B 149 40.47 -2.49 -45.78
C TRP B 149 41.44 -3.30 -46.61
N LYS B 150 41.92 -2.71 -47.70
CA LYS B 150 42.95 -3.34 -48.52
C LYS B 150 44.17 -2.43 -48.65
N ILE B 151 45.35 -3.03 -48.50
CA ILE B 151 46.61 -2.33 -48.71
C ILE B 151 47.30 -2.89 -49.94
N ASP B 152 47.36 -2.08 -51.00
CA ASP B 152 47.97 -2.52 -52.26
C ASP B 152 47.29 -3.78 -52.78
N GLY B 153 45.98 -3.87 -52.58
CA GLY B 153 45.19 -4.97 -53.12
C GLY B 153 45.05 -6.18 -52.21
N SER B 154 45.83 -6.20 -51.12
CA SER B 154 45.74 -7.29 -50.15
C SER B 154 45.01 -6.85 -48.89
N GLU B 155 44.02 -7.64 -48.48
CA GLU B 155 43.13 -7.33 -47.36
C GLU B 155 43.87 -7.27 -46.02
N ARG B 156 43.61 -6.21 -45.24
CA ARG B 156 44.10 -6.12 -43.88
C ARG B 156 42.93 -6.21 -42.89
N GLN B 157 42.95 -7.22 -42.03
CA GLN B 157 41.86 -7.43 -41.09
C GLN B 157 42.12 -6.91 -39.67
N ASN B 158 43.33 -6.40 -39.41
CA ASN B 158 43.75 -6.06 -38.04
C ASN B 158 43.82 -4.57 -37.73
N GLY B 159 43.57 -4.24 -36.47
CA GLY B 159 43.75 -2.87 -35.97
C GLY B 159 42.73 -1.88 -36.49
N VAL B 160 41.46 -2.29 -36.46
CA VAL B 160 40.39 -1.47 -37.00
C VAL B 160 39.35 -1.09 -35.94
N LEU B 161 38.99 0.19 -35.92
CA LEU B 161 37.96 0.66 -35.01
C LEU B 161 36.73 1.10 -35.81
N ASN B 162 35.61 0.44 -35.57
CA ASN B 162 34.38 0.78 -36.23
C ASN B 162 33.38 1.38 -35.25
N SER B 163 32.69 2.43 -35.69
CA SER B 163 31.70 3.08 -34.84
C SER B 163 30.44 3.35 -35.64
N TRP B 164 29.28 3.07 -35.05
CA TRP B 164 28.01 3.37 -35.70
C TRP B 164 27.26 4.45 -34.95
N THR B 165 26.70 5.38 -35.71
CA THR B 165 25.85 6.40 -35.15
C THR B 165 24.49 5.77 -34.86
N ASP B 166 23.74 6.39 -33.96
CA ASP B 166 22.37 5.96 -33.72
C ASP B 166 21.53 6.45 -34.90
N GLN B 167 20.38 5.82 -35.14
CA GLN B 167 19.55 6.17 -36.29
C GLN B 167 19.13 7.63 -36.24
N ASP B 168 19.26 8.31 -37.37
CA ASP B 168 18.96 9.74 -37.48
C ASP B 168 17.46 9.99 -37.31
N SER B 169 17.12 10.99 -36.50
CA SER B 169 15.72 11.33 -36.26
C SER B 169 15.16 12.18 -37.39
N LYS B 170 16.02 12.54 -38.34
CA LYS B 170 15.60 13.31 -39.51
C LYS B 170 15.37 12.39 -40.72
N ASP B 171 16.43 11.82 -41.26
CA ASP B 171 16.28 10.97 -42.44
C ASP B 171 16.20 9.48 -42.11
N SER B 172 16.33 9.14 -40.82
CA SER B 172 16.20 7.76 -40.37
C SER B 172 17.23 6.85 -41.03
N THR B 173 18.49 7.27 -41.01
CA THR B 173 19.57 6.51 -41.63
C THR B 173 20.70 6.30 -40.64
N TYR B 174 21.63 5.41 -40.99
CA TYR B 174 22.77 5.18 -40.13
C TYR B 174 24.05 5.65 -40.81
N SER B 175 25.14 5.63 -40.07
CA SER B 175 26.44 6.04 -40.58
C SER B 175 27.51 5.32 -39.77
N MET B 176 28.65 5.09 -40.39
CA MET B 176 29.72 4.34 -39.75
C MET B 176 31.07 4.95 -40.01
N SER B 177 31.96 4.87 -39.02
CA SER B 177 33.31 5.38 -39.15
C SER B 177 34.31 4.25 -38.93
N SER B 178 35.08 3.93 -39.96
CA SER B 178 36.08 2.88 -39.88
C SER B 178 37.48 3.47 -39.91
N THR B 179 38.26 3.18 -38.87
CA THR B 179 39.59 3.75 -38.72
C THR B 179 40.66 2.67 -38.59
N LEU B 180 41.54 2.60 -39.59
CA LEU B 180 42.64 1.64 -39.60
C LEU B 180 43.88 2.31 -39.03
N THR B 181 44.38 1.77 -37.92
CA THR B 181 45.55 2.35 -37.26
C THR B 181 46.79 1.48 -37.39
N LEU B 182 47.89 2.10 -37.80
CA LEU B 182 49.15 1.39 -37.97
C LEU B 182 50.34 2.33 -37.73
N THR B 183 51.48 1.74 -37.38
CA THR B 183 52.71 2.51 -37.18
C THR B 183 53.15 3.14 -38.48
N LYS B 184 53.78 4.31 -38.39
CA LYS B 184 54.19 5.05 -39.58
C LYS B 184 55.11 4.24 -40.49
N ASP B 185 56.04 3.52 -39.90
CA ASP B 185 56.99 2.73 -40.68
C ASP B 185 56.27 1.77 -41.61
N GLU B 186 55.13 1.25 -41.15
CA GLU B 186 54.33 0.37 -42.00
C GLU B 186 53.52 1.17 -43.02
N TYR B 187 53.18 2.40 -42.67
CA TYR B 187 52.44 3.28 -43.56
C TYR B 187 53.31 3.69 -44.74
N GLU B 188 54.62 3.71 -44.53
CA GLU B 188 55.57 4.13 -45.54
C GLU B 188 56.08 2.97 -46.38
N ARG B 189 55.70 1.75 -45.98
CA ARG B 189 56.15 0.55 -46.68
C ARG B 189 55.17 0.14 -47.79
N HIS B 190 54.06 0.87 -47.92
CA HIS B 190 53.05 0.55 -48.92
C HIS B 190 52.48 1.83 -49.55
N ASN B 191 52.25 1.80 -50.86
CA ASN B 191 51.89 3.02 -51.59
C ASN B 191 50.40 3.28 -51.84
N SER B 192 49.54 2.33 -51.47
CA SER B 192 48.12 2.46 -51.79
C SER B 192 47.19 1.89 -50.70
N TYR B 193 46.09 2.59 -50.47
CA TYR B 193 45.14 2.20 -49.43
C TYR B 193 43.71 2.29 -49.96
N THR B 194 42.91 1.27 -49.67
CA THR B 194 41.55 1.17 -50.21
C THR B 194 40.51 0.88 -49.13
N CYS B 195 39.33 1.50 -49.25
CA CYS B 195 38.23 1.29 -48.32
C CYS B 195 36.97 0.83 -49.06
N GLU B 196 36.50 -0.39 -48.78
CA GLU B 196 35.39 -0.95 -49.54
C GLU B 196 34.16 -1.28 -48.70
N ALA B 197 33.02 -0.69 -49.06
CA ALA B 197 31.79 -0.86 -48.30
C ALA B 197 30.79 -1.78 -48.99
N THR B 198 30.56 -2.96 -48.41
CA THR B 198 29.55 -3.88 -48.92
C THR B 198 28.20 -3.63 -48.23
N HIS B 199 27.17 -3.43 -49.06
CA HIS B 199 25.85 -3.09 -48.57
C HIS B 199 24.82 -3.77 -49.47
N LYS B 200 23.61 -3.99 -48.97
CA LYS B 200 22.62 -4.75 -49.73
C LYS B 200 22.13 -3.98 -50.96
N THR B 201 22.28 -2.66 -50.93
CA THR B 201 21.86 -1.82 -52.06
C THR B 201 22.58 -2.19 -53.36
N SER B 202 23.89 -2.42 -53.28
CA SER B 202 24.68 -2.74 -54.47
C SER B 202 25.15 -4.19 -54.46
N THR B 203 25.06 -4.83 -55.63
CA THR B 203 25.58 -6.18 -55.82
C THR B 203 27.09 -6.17 -55.68
N SER B 204 27.73 -5.30 -56.46
CA SER B 204 29.16 -5.05 -56.32
C SER B 204 29.41 -4.06 -55.19
N PRO B 205 30.53 -4.21 -54.48
CA PRO B 205 30.89 -3.31 -53.38
C PRO B 205 31.27 -1.91 -53.85
N ILE B 206 30.75 -0.89 -53.16
CA ILE B 206 31.12 0.50 -53.41
C ILE B 206 32.52 0.76 -52.88
N VAL B 207 33.39 1.28 -53.74
CA VAL B 207 34.80 1.38 -53.38
C VAL B 207 35.34 2.80 -53.54
N LYS B 208 36.26 3.15 -52.64
CA LYS B 208 37.01 4.39 -52.74
C LYS B 208 38.43 4.16 -52.26
N SER B 209 39.39 4.71 -53.00
CA SER B 209 40.80 4.49 -52.71
C SER B 209 41.61 5.76 -52.90
N PHE B 210 42.85 5.74 -52.45
CA PHE B 210 43.76 6.88 -52.61
C PHE B 210 45.20 6.40 -52.65
N ASN B 211 46.05 7.11 -53.38
CA ASN B 211 47.45 6.71 -53.48
C ASN B 211 48.38 7.59 -52.69
N ARG B 212 49.38 6.94 -52.08
CA ARG B 212 50.28 7.56 -51.11
C ARG B 212 50.98 8.81 -51.60
N ASN B 213 51.66 8.70 -52.74
CA ASN B 213 52.49 9.78 -53.28
C ASN B 213 51.75 11.12 -53.40
N GLU B 214 50.57 11.11 -54.00
CA GLU B 214 49.78 12.32 -54.19
C GLU B 214 49.40 12.97 -52.85
N GLU C 20 9.04 22.24 -13.23
CA GLU C 20 8.38 21.96 -11.96
C GLU C 20 9.31 21.19 -11.02
N VAL C 21 9.13 19.87 -10.97
CA VAL C 21 10.01 19.01 -10.18
C VAL C 21 11.25 18.64 -11.00
N GLN C 22 12.42 18.83 -10.40
CA GLN C 22 13.68 18.55 -11.06
C GLN C 22 14.60 17.71 -10.17
N LEU C 23 15.44 16.88 -10.80
CA LEU C 23 16.40 16.07 -10.07
C LEU C 23 17.77 16.15 -10.73
N VAL C 24 18.78 16.57 -9.96
CA VAL C 24 20.12 16.73 -10.51
C VAL C 24 21.14 15.88 -9.77
N GLU C 25 21.68 14.90 -10.49
CA GLU C 25 22.74 14.05 -9.95
C GLU C 25 24.08 14.75 -10.05
N SER C 26 24.87 14.64 -8.99
CA SER C 26 26.16 15.32 -8.93
C SER C 26 27.20 14.43 -8.27
N GLY C 27 28.46 14.83 -8.38
CA GLY C 27 29.56 13.99 -7.96
C GLY C 27 29.75 12.91 -9.01
N GLY C 28 30.78 12.10 -8.85
CA GLY C 28 31.01 11.02 -9.80
C GLY C 28 31.96 11.39 -10.91
N GLY C 29 32.70 10.40 -11.38
CA GLY C 29 33.81 10.57 -12.31
C GLY C 29 34.69 9.34 -12.20
N LEU C 30 35.96 9.46 -12.56
CA LEU C 30 36.89 8.33 -12.48
C LEU C 30 37.29 8.00 -11.04
N VAL C 31 37.31 6.71 -10.74
CA VAL C 31 37.74 6.20 -9.44
C VAL C 31 38.49 4.89 -9.66
N LYS C 32 39.54 4.65 -8.90
CA LYS C 32 40.28 3.39 -9.04
C LYS C 32 39.53 2.30 -8.28
N PRO C 33 39.62 1.05 -8.76
CA PRO C 33 38.94 -0.08 -8.14
C PRO C 33 39.26 -0.19 -6.64
N GLY C 34 38.22 -0.45 -5.83
CA GLY C 34 38.38 -0.50 -4.40
C GLY C 34 38.08 0.84 -3.74
N GLY C 35 38.02 1.88 -4.54
CA GLY C 35 37.84 3.23 -4.04
C GLY C 35 36.47 3.55 -3.48
N SER C 36 36.24 4.82 -3.18
CA SER C 36 34.97 5.26 -2.59
C SER C 36 34.55 6.58 -3.21
N LEU C 37 33.25 6.72 -3.43
CA LEU C 37 32.72 7.97 -3.94
C LEU C 37 31.29 8.19 -3.44
N LYS C 38 30.95 9.44 -3.17
CA LYS C 38 29.63 9.78 -2.69
C LYS C 38 28.85 10.55 -3.74
N LEU C 39 27.75 9.97 -4.21
CA LEU C 39 26.89 10.61 -5.19
C LEU C 39 25.79 11.37 -4.49
N SER C 40 25.39 12.49 -5.08
CA SER C 40 24.32 13.30 -4.49
C SER C 40 23.27 13.63 -5.52
N CYS C 41 22.05 13.90 -5.04
CA CYS C 41 20.96 14.30 -5.91
C CYS C 41 20.21 15.47 -5.28
N ALA C 42 20.15 16.58 -6.01
CA ALA C 42 19.48 17.78 -5.53
C ALA C 42 18.02 17.77 -5.98
N ALA C 43 17.11 17.65 -5.01
CA ALA C 43 15.68 17.61 -5.32
C ALA C 43 15.07 18.99 -5.17
N SER C 44 14.21 19.35 -6.11
CA SER C 44 13.48 20.61 -6.05
C SER C 44 12.16 20.51 -6.81
N GLY C 45 11.19 21.31 -6.41
CA GLY C 45 9.94 21.41 -7.15
C GLY C 45 8.83 20.55 -6.57
N PHE C 46 9.09 19.94 -5.43
CA PHE C 46 8.08 19.13 -4.75
C PHE C 46 8.51 18.93 -3.31
N THR C 47 7.68 18.25 -2.54
CA THR C 47 8.04 18.06 -1.15
C THR C 47 8.84 16.77 -1.07
N PHE C 48 10.13 16.95 -0.86
CA PHE C 48 11.09 15.87 -0.96
C PHE C 48 10.83 14.86 0.16
N SER C 49 10.48 15.39 1.32
CA SER C 49 10.22 14.58 2.51
C SER C 49 9.13 13.52 2.31
N SER C 50 8.15 13.83 1.47
CA SER C 50 6.96 12.97 1.34
C SER C 50 7.14 11.84 0.32
N TYR C 51 8.30 11.81 -0.33
CA TYR C 51 8.52 10.82 -1.40
C TYR C 51 9.74 9.96 -1.16
N ALA C 52 9.58 8.66 -1.35
CA ALA C 52 10.69 7.72 -1.30
C ALA C 52 11.51 7.84 -2.59
N MET C 53 12.83 7.88 -2.45
CA MET C 53 13.67 7.96 -3.63
C MET C 53 14.36 6.63 -3.93
N SER C 54 15.03 6.57 -5.06
CA SER C 54 15.75 5.37 -5.42
C SER C 54 16.90 5.69 -6.37
N TRP C 55 17.98 4.92 -6.27
CA TRP C 55 19.08 5.01 -7.22
C TRP C 55 19.00 3.88 -8.24
N VAL C 56 18.95 4.24 -9.51
CA VAL C 56 18.95 3.27 -10.60
C VAL C 56 20.14 3.55 -11.52
N ARG C 57 20.89 2.51 -11.89
CA ARG C 57 22.01 2.72 -12.78
C ARG C 57 21.79 2.05 -14.13
N GLN C 58 22.49 2.56 -15.15
CA GLN C 58 22.45 1.98 -16.48
C GLN C 58 23.88 1.74 -16.97
N SER C 59 24.24 0.47 -17.16
CA SER C 59 25.58 0.12 -17.59
C SER C 59 25.84 0.67 -18.99
N PRO C 60 27.12 0.78 -19.38
CA PRO C 60 27.46 1.20 -20.75
C PRO C 60 26.88 0.25 -21.79
N GLU C 61 26.44 -0.92 -21.36
CA GLU C 61 25.73 -1.84 -22.25
C GLU C 61 24.23 -1.51 -22.21
N LYS C 62 23.91 -0.39 -21.55
CA LYS C 62 22.58 0.22 -21.53
C LYS C 62 21.52 -0.59 -20.79
N ARG C 63 21.97 -1.48 -19.90
CA ARG C 63 21.05 -2.28 -19.09
C ARG C 63 20.67 -1.54 -17.80
N LEU C 64 19.37 -1.43 -17.54
CA LEU C 64 18.92 -0.78 -16.31
C LEU C 64 18.97 -1.74 -15.13
N GLU C 65 19.46 -1.24 -14.01
CA GLU C 65 19.50 -2.00 -12.78
C GLU C 65 19.13 -1.12 -11.60
N TRP C 66 18.14 -1.55 -10.82
CA TRP C 66 17.77 -0.86 -9.59
C TRP C 66 18.85 -1.13 -8.55
N VAL C 67 19.19 -0.12 -7.77
CA VAL C 67 20.31 -0.21 -6.84
C VAL C 67 19.86 -0.21 -5.37
N ALA C 68 19.27 0.89 -4.95
CA ALA C 68 18.79 1.02 -3.57
C ALA C 68 17.58 1.94 -3.46
N GLU C 69 16.67 1.62 -2.55
CA GLU C 69 15.54 2.50 -2.26
C GLU C 69 15.55 2.96 -0.81
N ILE C 70 15.21 4.23 -0.60
CA ILE C 70 15.10 4.80 0.75
C ILE C 70 13.71 5.42 0.91
N SER C 71 13.12 5.24 2.10
CA SER C 71 11.74 5.68 2.35
C SER C 71 11.63 7.20 2.39
N SER C 72 10.42 7.68 2.61
CA SER C 72 10.20 9.12 2.75
C SER C 72 11.02 9.64 3.93
N GLY C 73 11.00 8.91 5.04
CA GLY C 73 11.75 9.28 6.23
C GLY C 73 13.00 8.45 6.40
N GLY C 74 13.35 7.66 5.39
CA GLY C 74 14.57 6.90 5.39
C GLY C 74 14.60 5.77 6.39
N ARG C 75 13.43 5.45 6.94
CA ARG C 75 13.34 4.42 7.97
C ARG C 75 13.22 3.00 7.39
N TYR C 76 13.10 2.91 6.05
CA TYR C 76 13.10 1.62 5.36
C TYR C 76 14.06 1.65 4.17
N ILE C 77 15.08 0.79 4.20
CA ILE C 77 16.11 0.75 3.17
C ILE C 77 16.17 -0.62 2.50
N TYR C 78 16.14 -0.63 1.17
CA TYR C 78 16.31 -1.87 0.41
C TYR C 78 17.45 -1.75 -0.59
N TYR C 79 18.28 -2.78 -0.66
CA TYR C 79 19.43 -2.81 -1.58
C TYR C 79 19.32 -3.99 -2.54
N SER C 80 19.93 -3.87 -3.70
CA SER C 80 20.09 -5.03 -4.57
C SER C 80 21.23 -5.85 -4.01
N ASP C 81 21.18 -7.16 -4.19
CA ASP C 81 22.18 -8.04 -3.62
C ASP C 81 23.58 -7.71 -4.15
N THR C 82 23.64 -7.04 -5.29
CA THR C 82 24.92 -6.72 -5.94
C THR C 82 25.70 -5.63 -5.20
N VAL C 83 25.01 -4.60 -4.72
CA VAL C 83 25.67 -3.53 -3.98
C VAL C 83 25.59 -3.64 -2.45
N THR C 84 24.88 -4.65 -1.94
CA THR C 84 24.62 -4.73 -0.51
C THR C 84 25.89 -4.83 0.33
N GLY C 85 25.99 -3.97 1.33
CA GLY C 85 27.12 -3.91 2.24
C GLY C 85 28.22 -2.99 1.77
N ARG C 86 28.32 -2.79 0.46
CA ARG C 86 29.21 -1.78 -0.12
C ARG C 86 28.58 -0.38 -0.23
N PHE C 87 27.30 -0.34 -0.60
CA PHE C 87 26.62 0.95 -0.82
C PHE C 87 25.74 1.34 0.34
N THR C 88 25.70 2.64 0.63
CA THR C 88 24.82 3.16 1.66
C THR C 88 23.97 4.33 1.15
N ILE C 89 22.66 4.11 1.08
CA ILE C 89 21.72 5.15 0.65
C ILE C 89 21.34 6.04 1.83
N SER C 90 21.12 7.32 1.55
CA SER C 90 20.98 8.31 2.61
C SER C 90 20.12 9.51 2.21
N ARG C 91 19.50 10.16 3.20
CA ARG C 91 18.66 11.33 2.95
C ARG C 91 18.97 12.51 3.84
N ASP C 92 18.82 13.71 3.27
CA ASP C 92 18.73 14.93 4.08
C ASP C 92 17.47 15.67 3.64
N ASN C 93 16.45 15.68 4.50
CA ASN C 93 15.18 16.28 4.11
C ASN C 93 15.15 17.75 4.43
N ALA C 94 16.16 18.20 5.16
CA ALA C 94 16.36 19.61 5.42
C ALA C 94 16.83 20.32 4.15
N ARG C 95 17.89 19.78 3.55
CA ARG C 95 18.48 20.39 2.36
C ARG C 95 17.94 19.78 1.06
N ASN C 96 17.03 18.81 1.19
CA ASN C 96 16.43 18.15 0.04
C ASN C 96 17.46 17.50 -0.87
N ILE C 97 18.32 16.65 -0.30
CA ILE C 97 19.38 16.00 -1.06
C ILE C 97 19.37 14.49 -0.86
N LEU C 98 19.50 13.75 -1.96
CA LEU C 98 19.64 12.31 -1.88
C LEU C 98 21.11 11.94 -2.05
N HIS C 99 21.57 10.98 -1.26
CA HIS C 99 22.98 10.56 -1.29
C HIS C 99 23.13 9.08 -1.51
N LEU C 100 24.13 8.71 -2.30
CA LEU C 100 24.57 7.34 -2.37
C LEU C 100 26.06 7.34 -2.15
N GLU C 101 26.48 6.77 -1.03
CA GLU C 101 27.91 6.70 -0.76
C GLU C 101 28.41 5.31 -1.02
N MET C 102 29.40 5.21 -1.90
CA MET C 102 29.86 3.93 -2.39
C MET C 102 31.27 3.64 -1.87
N SER C 103 31.54 2.35 -1.67
CA SER C 103 32.85 1.89 -1.23
C SER C 103 33.15 0.52 -1.84
N SER C 104 34.43 0.17 -1.88
CA SER C 104 34.85 -1.09 -2.47
C SER C 104 34.29 -1.21 -3.88
N LEU C 105 34.53 -0.17 -4.68
CA LEU C 105 34.01 -0.12 -6.04
C LEU C 105 34.71 -1.12 -6.95
N ARG C 106 33.92 -1.89 -7.69
CA ARG C 106 34.46 -2.78 -8.70
C ARG C 106 34.23 -2.18 -10.08
N SER C 107 34.71 -2.83 -11.12
CA SER C 107 34.54 -2.30 -12.48
C SER C 107 33.08 -2.45 -12.91
N GLU C 108 32.42 -3.49 -12.43
CA GLU C 108 31.01 -3.72 -12.74
C GLU C 108 30.13 -2.58 -12.26
N ASP C 109 30.67 -1.73 -11.40
CA ASP C 109 29.91 -0.59 -10.86
C ASP C 109 29.82 0.56 -11.83
N THR C 110 30.56 0.48 -12.94
CA THR C 110 30.61 1.57 -13.91
C THR C 110 29.26 1.73 -14.59
N ALA C 111 28.65 2.89 -14.44
CA ALA C 111 27.38 3.16 -15.09
C ALA C 111 26.97 4.62 -14.98
N MET C 112 25.85 4.94 -15.62
CA MET C 112 25.18 6.23 -15.45
C MET C 112 24.22 6.07 -14.28
N TYR C 113 24.44 6.83 -13.21
CA TYR C 113 23.62 6.66 -12.01
C TYR C 113 22.46 7.64 -12.00
N TYR C 114 21.25 7.10 -11.86
CA TYR C 114 20.02 7.87 -11.92
C TYR C 114 19.37 8.04 -10.57
N CYS C 115 18.86 9.25 -10.36
CA CYS C 115 18.10 9.60 -9.18
C CYS C 115 16.64 9.57 -9.57
N ALA C 116 15.89 8.61 -9.04
CA ALA C 116 14.50 8.44 -9.47
C ALA C 116 13.54 8.45 -8.30
N ARG C 117 12.45 9.17 -8.50
CA ARG C 117 11.42 9.30 -7.48
C ARG C 117 10.26 8.35 -7.71
N GLY C 118 9.88 7.61 -6.68
CA GLY C 118 8.46 7.34 -6.51
C GLY C 118 8.06 6.77 -5.17
N GLU C 119 6.90 7.25 -4.72
CA GLU C 119 6.38 6.94 -3.40
C GLU C 119 5.37 5.81 -3.46
N VAL C 120 4.96 5.46 -4.68
CA VAL C 120 3.88 4.50 -4.87
C VAL C 120 4.36 3.37 -5.77
N ARG C 121 4.44 2.17 -5.20
CA ARG C 121 4.88 1.01 -5.96
C ARG C 121 3.98 0.79 -7.17
N GLN C 122 2.72 1.16 -7.04
CA GLN C 122 1.76 0.92 -8.11
C GLN C 122 1.90 1.90 -9.28
N ARG C 123 2.51 3.06 -9.04
CA ARG C 123 2.74 4.02 -10.13
C ARG C 123 4.16 4.04 -10.72
N GLY C 124 5.10 3.29 -10.14
CA GLY C 124 6.48 3.29 -10.59
C GLY C 124 7.24 4.59 -10.35
N PHE C 125 8.35 4.77 -11.07
CA PHE C 125 9.18 5.96 -10.95
C PHE C 125 8.72 7.04 -11.93
N ASP C 126 8.12 8.11 -11.42
CA ASP C 126 7.52 9.11 -12.28
C ASP C 126 8.48 10.24 -12.67
N TYR C 127 9.62 10.34 -12.01
CA TYR C 127 10.60 11.38 -12.37
C TYR C 127 12.03 10.91 -12.23
N TRP C 128 12.87 11.33 -13.18
CA TRP C 128 14.29 10.93 -13.21
C TRP C 128 15.21 12.14 -13.35
N GLY C 129 16.40 12.04 -12.77
CA GLY C 129 17.41 13.07 -12.95
C GLY C 129 18.05 12.96 -14.32
N GLN C 130 19.05 13.79 -14.58
CA GLN C 130 19.77 13.74 -15.86
C GLN C 130 20.78 12.59 -15.82
N GLY C 131 21.08 12.15 -14.60
CA GLY C 131 22.05 11.10 -14.39
C GLY C 131 23.46 11.65 -14.28
N THR C 132 24.30 10.95 -13.51
CA THR C 132 25.70 11.30 -13.35
C THR C 132 26.56 10.06 -13.62
N THR C 133 27.68 10.24 -14.30
CA THR C 133 28.43 9.10 -14.82
C THR C 133 29.60 8.69 -13.93
N LEU C 134 29.62 7.43 -13.51
CA LEU C 134 30.70 6.91 -12.71
C LEU C 134 31.53 5.89 -13.50
N THR C 135 32.83 6.13 -13.58
CA THR C 135 33.73 5.19 -14.23
C THR C 135 34.74 4.61 -13.24
N VAL C 136 34.74 3.30 -13.12
CA VAL C 136 35.69 2.63 -12.25
C VAL C 136 36.70 1.87 -13.09
N SER C 137 37.93 2.39 -13.13
CA SER C 137 39.00 1.80 -13.92
C SER C 137 40.34 1.98 -13.22
N SER C 138 41.29 1.12 -13.56
CA SER C 138 42.66 1.31 -13.10
C SER C 138 43.41 2.16 -14.12
N ALA C 139 42.75 2.43 -15.25
CA ALA C 139 43.34 3.22 -16.32
C ALA C 139 43.63 4.66 -15.88
N LYS C 140 44.60 5.26 -16.55
CA LYS C 140 45.08 6.59 -16.20
C LYS C 140 44.50 7.65 -17.13
N THR C 141 44.17 8.81 -16.57
CA THR C 141 43.63 9.91 -17.37
C THR C 141 44.65 10.40 -18.39
N THR C 142 44.27 10.43 -19.67
CA THR C 142 45.15 10.97 -20.70
C THR C 142 44.39 11.88 -21.65
N ALA C 143 45.05 12.91 -22.15
CA ALA C 143 44.43 13.86 -23.06
C ALA C 143 44.42 13.31 -24.49
N PRO C 144 43.43 13.69 -25.29
CA PRO C 144 43.42 13.21 -26.66
C PRO C 144 44.41 13.95 -27.54
N SER C 145 44.55 13.50 -28.79
CA SER C 145 45.24 14.28 -29.80
C SER C 145 44.29 14.41 -30.98
N VAL C 146 43.96 15.65 -31.34
CA VAL C 146 42.98 15.91 -32.37
C VAL C 146 43.64 16.10 -33.74
N TYR C 147 43.29 15.24 -34.68
CA TYR C 147 43.86 15.30 -36.02
C TYR C 147 42.85 15.81 -37.05
N PRO C 148 43.23 16.86 -37.79
CA PRO C 148 42.40 17.36 -38.88
C PRO C 148 42.30 16.36 -40.02
N LEU C 149 41.10 16.16 -40.55
CA LEU C 149 40.92 15.24 -41.67
C LEU C 149 40.53 15.96 -42.95
N ALA C 150 41.47 16.01 -43.90
CA ALA C 150 41.24 16.65 -45.20
C ALA C 150 41.48 15.65 -46.33
N PRO C 151 40.73 15.81 -47.44
CA PRO C 151 40.71 14.92 -48.61
C PRO C 151 42.08 14.73 -49.27
N VAL C 152 42.31 13.56 -49.85
CA VAL C 152 43.62 13.22 -50.41
C VAL C 152 43.99 14.13 -51.58
N CYS C 153 43.08 14.24 -52.54
CA CYS C 153 43.26 15.08 -53.73
C CYS C 153 41.96 15.17 -54.52
N THR C 157 33.87 18.41 -57.57
CA THR C 157 32.49 18.16 -57.15
C THR C 157 32.47 17.66 -55.72
N GLY C 158 31.42 17.98 -54.98
CA GLY C 158 30.29 18.76 -55.45
C GLY C 158 29.11 17.88 -55.85
N SER C 159 27.89 18.34 -55.58
CA SER C 159 27.63 19.56 -54.83
C SER C 159 28.35 19.61 -53.47
N SER C 160 28.51 18.46 -52.82
CA SER C 160 28.99 18.41 -51.43
C SER C 160 30.37 17.75 -51.22
N VAL C 161 31.31 18.50 -50.64
CA VAL C 161 32.55 17.95 -50.06
C VAL C 161 32.38 17.48 -48.59
N THR C 162 33.19 16.52 -48.15
CA THR C 162 33.11 16.01 -46.78
C THR C 162 34.44 16.10 -46.01
N LEU C 163 34.38 16.63 -44.79
CA LEU C 163 35.58 16.77 -43.96
C LEU C 163 35.46 15.94 -42.69
N GLY C 164 36.48 16.00 -41.84
CA GLY C 164 36.50 15.16 -40.66
C GLY C 164 37.46 15.57 -39.56
N CYS C 165 37.21 15.01 -38.38
CA CYS C 165 38.04 15.25 -37.21
C CYS C 165 38.31 13.95 -36.50
N LEU C 166 39.56 13.69 -36.16
CA LEU C 166 39.92 12.45 -35.49
C LEU C 166 40.45 12.71 -34.09
N VAL C 167 39.68 12.29 -33.10
CA VAL C 167 40.07 12.41 -31.70
C VAL C 167 40.51 11.04 -31.19
N LYS C 168 41.82 10.86 -30.96
CA LYS C 168 42.34 9.53 -30.62
C LYS C 168 43.10 9.50 -29.30
N GLY C 169 43.01 8.36 -28.60
CA GLY C 169 43.85 8.07 -27.46
C GLY C 169 43.59 8.85 -26.17
N TYR C 170 42.33 8.97 -25.78
CA TYR C 170 41.98 9.77 -24.61
C TYR C 170 41.26 8.92 -23.57
N PHE C 171 41.15 9.47 -22.36
CA PHE C 171 40.51 8.77 -21.25
C PHE C 171 40.46 9.68 -20.02
N PRO C 172 39.33 9.67 -19.30
CA PRO C 172 38.11 8.93 -19.60
C PRO C 172 37.20 9.73 -20.51
N GLU C 173 35.97 9.26 -20.73
CA GLU C 173 34.98 10.09 -21.40
C GLU C 173 34.38 11.04 -20.36
N PRO C 174 33.65 12.07 -20.81
CA PRO C 174 33.37 12.38 -22.20
C PRO C 174 34.32 13.37 -22.87
N VAL C 175 34.07 13.62 -24.15
CA VAL C 175 34.65 14.77 -24.85
C VAL C 175 33.53 15.49 -25.58
N THR C 176 33.60 16.82 -25.61
CA THR C 176 32.65 17.60 -26.38
C THR C 176 33.31 18.02 -27.69
N LEU C 177 32.69 17.63 -28.80
CA LEU C 177 33.20 18.00 -30.12
C LEU C 177 32.14 18.75 -30.92
N THR C 178 32.47 19.97 -31.32
CA THR C 178 31.59 20.78 -32.16
C THR C 178 32.39 21.37 -33.32
N TRP C 179 31.68 21.90 -34.31
CA TRP C 179 32.34 22.53 -35.46
C TRP C 179 32.11 24.04 -35.50
N ASN C 180 33.20 24.79 -35.47
CA ASN C 180 33.13 26.24 -35.43
C ASN C 180 32.25 26.72 -34.29
N SER C 181 32.53 26.22 -33.09
CA SER C 181 31.81 26.61 -31.88
C SER C 181 30.31 26.25 -31.94
N GLY C 182 29.98 25.24 -32.73
CA GLY C 182 28.62 24.72 -32.78
C GLY C 182 27.71 25.47 -33.73
N SER C 183 28.31 26.17 -34.69
CA SER C 183 27.55 26.94 -35.66
C SER C 183 27.01 26.06 -36.79
N LEU C 184 27.62 24.89 -36.99
CA LEU C 184 27.10 23.92 -37.95
C LEU C 184 26.48 22.72 -37.25
N SER C 185 25.15 22.63 -37.27
CA SER C 185 24.50 21.42 -36.79
C SER C 185 24.12 20.51 -37.96
N SER C 186 24.34 20.98 -39.18
CA SER C 186 23.78 20.29 -40.34
C SER C 186 24.83 19.56 -41.17
N GLY C 187 24.56 18.29 -41.46
CA GLY C 187 25.46 17.48 -42.26
C GLY C 187 26.59 16.91 -41.44
N VAL C 188 26.53 17.13 -40.13
CA VAL C 188 27.56 16.67 -39.21
C VAL C 188 27.20 15.33 -38.57
N HIS C 189 28.04 14.33 -38.76
CA HIS C 189 27.88 13.04 -38.11
C HIS C 189 29.02 12.81 -37.10
N THR C 190 28.70 12.85 -35.81
CA THR C 190 29.74 12.65 -34.81
C THR C 190 29.58 11.29 -34.12
N PHE C 191 30.54 10.41 -34.35
CA PHE C 191 30.43 9.00 -33.94
C PHE C 191 30.75 8.77 -32.48
N PRO C 192 29.99 7.86 -31.85
CA PRO C 192 30.25 7.53 -30.44
C PRO C 192 31.65 6.92 -30.28
N ALA C 193 32.33 7.29 -29.20
CA ALA C 193 33.68 6.83 -28.95
C ALA C 193 33.71 5.34 -28.61
N VAL C 194 34.76 4.66 -29.09
CA VAL C 194 34.92 3.22 -28.81
C VAL C 194 36.19 2.95 -28.02
N LEU C 195 36.07 2.14 -26.96
CA LEU C 195 37.20 1.86 -26.09
C LEU C 195 38.04 0.70 -26.59
N GLN C 196 39.31 0.97 -26.86
CA GLN C 196 40.26 -0.06 -27.26
C GLN C 196 41.54 0.05 -26.42
N SER C 197 41.87 -1.02 -25.69
CA SER C 197 43.06 -1.06 -24.85
C SER C 197 43.17 0.16 -23.92
N ASP C 198 42.10 0.41 -23.17
CA ASP C 198 42.07 1.48 -22.17
C ASP C 198 42.21 2.89 -22.75
N LEU C 199 41.87 3.06 -24.03
CA LEU C 199 41.89 4.38 -24.65
C LEU C 199 40.72 4.58 -25.61
N TYR C 200 40.10 5.76 -25.56
CA TYR C 200 38.96 6.09 -26.41
C TYR C 200 39.38 6.77 -27.71
N THR C 201 38.73 6.38 -28.79
CA THR C 201 38.93 7.01 -30.09
C THR C 201 37.60 7.45 -30.66
N LEU C 202 37.55 8.68 -31.14
CA LEU C 202 36.30 9.27 -31.59
C LEU C 202 36.55 10.07 -32.86
N SER C 203 35.57 10.07 -33.76
CA SER C 203 35.71 10.84 -34.99
C SER C 203 34.40 11.52 -35.32
N SER C 204 34.46 12.49 -36.21
CA SER C 204 33.27 13.18 -36.65
C SER C 204 33.39 13.57 -38.11
N SER C 205 32.28 13.52 -38.83
CA SER C 205 32.26 13.89 -40.22
C SER C 205 31.30 15.06 -40.43
N VAL C 206 31.68 15.95 -41.32
CA VAL C 206 30.85 17.10 -41.66
C VAL C 206 30.92 17.28 -43.16
N THR C 207 29.77 17.53 -43.79
CA THR C 207 29.76 17.71 -45.24
C THR C 207 29.22 19.10 -45.58
N VAL C 208 29.79 19.72 -46.61
CA VAL C 208 29.34 21.01 -47.11
C VAL C 208 29.52 21.08 -48.64
N THR C 209 29.10 22.18 -49.26
CA THR C 209 29.24 22.33 -50.72
C THR C 209 30.66 22.71 -51.15
N SER C 210 31.04 22.35 -52.38
CA SER C 210 32.39 22.61 -52.87
C SER C 210 32.66 24.11 -53.00
N SER C 211 31.58 24.89 -53.05
CA SER C 211 31.68 26.34 -53.08
C SER C 211 32.01 26.90 -51.70
N THR C 212 31.52 26.22 -50.66
CA THR C 212 31.69 26.69 -49.29
C THR C 212 33.07 26.36 -48.70
N TRP C 213 33.75 25.36 -49.26
CA TRP C 213 35.09 24.99 -48.81
C TRP C 213 36.02 24.64 -49.98
N PRO C 214 37.30 25.03 -49.89
CA PRO C 214 37.79 25.85 -48.78
C PRO C 214 37.66 27.36 -49.01
N SER C 215 36.47 27.82 -49.39
CA SER C 215 36.24 29.25 -49.56
C SER C 215 36.41 29.94 -48.21
N GLN C 216 36.03 29.21 -47.16
CA GLN C 216 36.20 29.65 -45.78
C GLN C 216 36.93 28.57 -44.99
N SER C 217 37.71 28.97 -43.99
CA SER C 217 38.46 28.02 -43.17
C SER C 217 37.57 27.47 -42.06
N ILE C 218 37.45 26.14 -42.01
CA ILE C 218 36.55 25.47 -41.06
C ILE C 218 37.32 24.70 -39.99
N THR C 219 36.93 24.89 -38.74
CA THR C 219 37.66 24.33 -37.62
C THR C 219 36.83 23.36 -36.80
N CYS C 220 37.51 22.38 -36.20
CA CYS C 220 36.90 21.39 -35.34
C CYS C 220 37.42 21.59 -33.92
N ASN C 221 36.52 21.76 -32.96
CA ASN C 221 36.94 22.07 -31.59
C ASN C 221 36.55 20.99 -30.58
N VAL C 222 37.55 20.52 -29.84
CA VAL C 222 37.39 19.39 -28.94
C VAL C 222 37.69 19.78 -27.50
N ALA C 223 36.85 19.31 -26.58
CA ALA C 223 37.07 19.55 -25.15
C ALA C 223 37.15 18.24 -24.36
N HIS C 224 38.13 18.16 -23.48
CA HIS C 224 38.28 17.00 -22.59
C HIS C 224 38.67 17.47 -21.19
N PRO C 225 37.67 17.93 -20.42
CA PRO C 225 37.88 18.50 -19.08
C PRO C 225 38.68 17.61 -18.13
N ALA C 226 38.54 16.29 -18.27
CA ALA C 226 39.25 15.35 -17.41
C ALA C 226 40.76 15.62 -17.42
N SER C 227 41.30 15.83 -18.62
CA SER C 227 42.71 16.19 -18.80
C SER C 227 42.85 17.70 -18.92
N SER C 228 41.73 18.40 -18.82
CA SER C 228 41.66 19.84 -19.03
C SER C 228 42.36 20.24 -20.32
N THR C 229 41.84 19.73 -21.43
CA THR C 229 42.43 19.94 -22.75
C THR C 229 41.40 20.48 -23.72
N LYS C 230 41.58 21.71 -24.19
CA LYS C 230 40.65 22.29 -25.16
C LYS C 230 41.41 22.82 -26.36
N VAL C 231 41.21 22.17 -27.51
CA VAL C 231 41.94 22.54 -28.71
C VAL C 231 41.02 22.71 -29.90
N ASP C 232 41.33 23.70 -30.73
CA ASP C 232 40.65 23.87 -32.01
C ASP C 232 41.60 23.49 -33.13
N LYS C 233 41.10 22.72 -34.09
CA LYS C 233 41.94 22.32 -35.22
C LYS C 233 41.34 22.79 -36.54
N LYS C 234 42.02 23.73 -37.19
CA LYS C 234 41.57 24.23 -38.49
C LYS C 234 41.88 23.22 -39.58
N ILE C 235 40.90 22.98 -40.46
CA ILE C 235 41.08 22.08 -41.60
C ILE C 235 41.64 22.83 -42.80
N GLU C 236 42.83 22.44 -43.26
CA GLU C 236 43.43 23.04 -44.45
C GLU C 236 43.73 21.98 -45.49
N PRO C 237 43.53 22.32 -46.78
CA PRO C 237 43.78 21.38 -47.87
C PRO C 237 45.27 21.11 -48.06
N ARG C 238 45.61 19.85 -48.32
CA ARG C 238 47.01 19.45 -48.45
C ARG C 238 47.57 19.78 -49.84
C2 BGC D . -41.19 -25.99 28.68
C3 BGC D . -39.75 -26.00 29.07
C4 BGC D . -39.55 -26.42 30.47
C5 BGC D . -40.34 -27.63 30.87
C6 BGC D . -40.22 -27.78 32.33
C1 BGC D . -41.84 -27.32 29.02
O1 BGC D . -43.18 -27.31 28.57
O2 BGC D . -41.33 -25.71 27.26
O3 BGC D . -39.19 -24.63 28.87
O4 BGC D . -38.13 -26.80 30.66
O5 BGC D . -41.77 -27.55 30.45
O6 BGC D . -41.47 -28.17 32.87
H2 BGC D . -41.65 -25.30 29.19
H3 BGC D . -39.28 -26.61 28.49
H4 BGC D . -39.76 -25.68 31.06
H5 BGC D . -39.94 -28.41 30.45
H61 BGC D . -39.55 -28.45 32.53
H62 BGC D . -39.94 -26.93 32.71
H1 BGC D . -41.35 -28.03 28.56
HO1 BGC D . -43.40 -28.09 28.31
HO2 BGC D . -41.72 -24.96 27.15
HO3 BGC D . -39.10 -24.48 28.05
HO6 BGC D . -41.36 -28.87 33.34
C1 GLC D . -37.45 -25.75 31.16
C2 GLC D . -36.10 -25.68 30.43
C3 GLC D . -35.05 -26.60 30.98
C4 GLC D . -34.95 -26.46 32.45
C5 GLC D . -36.27 -26.70 33.20
C6 GLC D . -36.10 -26.28 34.61
O2 GLC D . -36.34 -25.97 29.04
O3 GLC D . -33.73 -26.27 30.44
O4 GLC D . -33.95 -27.40 32.93
O5 GLC D . -37.41 -25.93 32.64
O6 GLC D . -36.03 -27.42 35.43
H1 GLC D . -37.95 -24.94 30.96
H2 GLC D . -35.77 -24.77 30.50
H3 GLC D . -35.28 -27.51 30.77
H4 GLC D . -34.64 -25.56 32.66
H5 GLC D . -36.49 -27.65 33.18
H61 GLC D . -36.85 -25.73 34.87
H62 GLC D . -35.27 -25.77 34.69
HO2 GLC D . -35.86 -25.47 28.55
HO3 GLC D . -33.44 -26.93 29.99
HO4 GLC D . -33.17 -27.13 32.70
HO6 GLC D . -35.64 -27.21 36.16
C1 CLR E . -16.42 -13.94 0.33
C2 CLR E . -14.92 -14.18 0.24
C3 CLR E . -14.14 -12.91 0.60
C4 CLR E . -14.45 -12.58 2.06
C5 CLR E . -15.93 -12.57 2.37
C6 CLR E . -16.37 -11.69 3.28
C7 CLR E . -17.78 -11.13 3.26
C8 CLR E . -18.73 -12.27 2.97
C9 CLR E . -18.32 -12.95 1.66
C10 CLR E . -16.91 -13.56 1.74
C11 CLR E . -19.38 -13.97 1.19
C12 CLR E . -20.81 -13.42 1.16
C13 CLR E . -21.13 -12.76 2.49
C14 CLR E . -20.11 -11.69 2.79
C15 CLR E . -20.70 -10.90 3.95
C16 CLR E . -22.21 -10.95 3.70
C17 CLR E . -22.42 -11.95 2.55
C18 CLR E . -21.08 -13.81 3.61
C19 CLR E . -16.96 -14.80 2.63
C20 CLR E . -23.76 -12.67 2.69
C21 CLR E . -23.82 -13.89 1.78
C22 CLR E . -24.85 -11.68 2.31
C23 CLR E . -26.17 -11.95 3.04
C24 CLR E . -27.35 -11.62 2.13
C25 CLR E . -28.48 -10.98 2.94
C26 CLR E . -29.07 -11.94 3.96
C27 CLR E . -29.58 -10.49 2.00
O1 CLR E . -12.71 -13.11 0.47
C1 CLR F . -13.72 5.97 0.61
C2 CLR F . -12.31 6.55 0.36
C3 CLR F . -12.40 8.00 -0.14
C4 CLR F . -13.07 8.84 0.96
C5 CLR F . -14.41 8.25 1.36
C6 CLR F . -15.49 9.07 1.44
C7 CLR F . -16.92 8.57 1.56
C8 CLR F . -16.97 7.25 2.31
C9 CLR F . -16.00 6.25 1.66
C10 CLR F . -14.53 6.76 1.66
C11 CLR F . -16.15 4.83 2.25
C12 CLR F . -17.58 4.28 2.18
C13 CLR F . -18.52 5.25 2.89
C14 CLR F . -18.37 6.63 2.27
C15 CLR F . -19.56 7.42 2.83
C16 CLR F . -20.67 6.37 2.91
C17 CLR F . -20.01 5.01 2.70
C18 CLR F . -18.20 5.27 4.37
C19 CLR F . -13.91 6.51 3.04
C20 CLR F . -20.66 3.97 3.62
C21 CLR F . -20.30 2.53 3.24
C22 CLR F . -22.18 4.21 3.54
C23 CLR F . -23.00 3.31 4.44
C24 CLR F . -23.49 2.08 3.67
C25 CLR F . -24.76 1.56 4.35
C26 CLR F . -25.46 0.46 3.54
C27 CLR F . -25.71 2.73 4.61
O1 CLR F . -11.08 8.53 -0.42
NA NA G . -21.37 -3.72 15.08
NA NA H . -20.24 -11.40 16.57
CL CL I . -24.34 -0.37 13.03
C12 41X J . -13.46 -4.74 24.24
C11 41X J . -13.56 -6.08 23.53
O2 41X J . -14.89 -6.29 23.03
C10 41X J . -15.65 -7.32 23.53
C9 41X J . -15.21 -8.00 24.66
C8 41X J . -15.96 -9.06 25.17
C7 41X J . -17.16 -9.44 24.56
C6 41X J . -17.59 -8.74 23.43
C5 41X J . -16.84 -7.69 22.91
O1 41X J . -17.31 -7.05 21.79
C4 41X J . -17.28 -5.63 21.60
C13 41X J . -18.01 -4.92 22.67
C18 41X J . -19.35 -5.24 22.92
C17 41X J . -20.03 -4.59 23.95
C16 41X J . -19.38 -3.61 24.71
C15 41X J . -18.04 -3.29 24.46
C14 41X J . -17.35 -3.95 23.44
C 41X J . -17.78 -5.33 20.19
O 41X J . -17.80 -3.94 19.88
C3 41X J . -17.67 -3.86 18.45
C2 41X J . -18.87 -4.57 17.78
N 41X J . -19.16 -5.91 18.36
C1 41X J . -19.16 -5.89 19.84
#